data_3JBK
#
_entry.id   3JBK
#
_cell.length_a   1
_cell.length_b   1
_cell.length_c   1
_cell.angle_alpha   90
_cell.angle_beta   90
_cell.angle_gamma   90
#
_symmetry.space_group_name_H-M   'P 1'
#
loop_
_entity.id
_entity.type
_entity.pdbx_description
1 polymer 'Actin, alpha skeletal muscle'
2 polymer Metavinculin
3 non-polymer 'MAGNESIUM ION'
4 non-polymer "ADENOSINE-5'-DIPHOSPHATE"
#
loop_
_entity_poly.entity_id
_entity_poly.type
_entity_poly.pdbx_seq_one_letter_code
_entity_poly.pdbx_strand_id
1 'polypeptide(L)'
;DEDETTALVCDNGSGLVKAGFAGDDAPRAVFPSIVGRPRHQGVMVGMGQKDSYVGDEAQSKRGILTLKYPIEHGIITNWD
DMEKIWHHTFYNELRVAPEEHPTLLTEAPLNPKANREKMTQIMFETFNVPAMYVAIQAVLSLYASGRTTGIVLDSGDGVT
HNVPIYEGYALPHAIMRLDLAGRDLTDYLMKILTERGYSFVTTAEREIVRDIKEKLCYVALDFENEMATAASSSSLEKSY
ELPDGQVITIGNERFRCPETLFQPSFIGMESAGIHETTYNSIMKCDIDIRKDLYANNVMSGGTTMYPGIADRMQKEITAL
APSTMKIKIIAPPERKYSVWIGGSILASLSTFQQMWITKQEYDEAGPSIVHRKCF
;
A,B
2 'polypeptide(L)'
;SLAPPKPPLPEGEVPPPRPPPPEEKDEEFPEQKAGEVINQPMMMAARQLHDEARKWSSKPGIPAAEVGIGVVAEADAADA
AGFPVPPDMEDDYEPELLLMPSNQPVNQPILAAAQSLHREATKWSSKGNDIIAAAKRMALLMAEMSRLVRGGSGTKRALI
QCAKDIAKASDEVTRLAKEVAKQCTDKRIRTNLLQVCERIPTISTQLKILSTVKATMLGRTNISDEESEQATEMLVHNAQ
NLMQSVKETVREAEAASIKIRTDAGFTLRWVRK
;
M
#
# COMPACT_ATOMS: atom_id res chain seq x y z
N THR A 5 7.99 -15.63 36.72
CA THR A 5 9.25 -16.28 37.21
C THR A 5 10.40 -16.13 36.25
N THR A 6 10.37 -16.87 35.12
CA THR A 6 11.40 -16.97 34.09
C THR A 6 11.88 -15.66 33.49
N ALA A 7 13.20 -15.45 33.45
CA ALA A 7 13.87 -14.35 32.76
C ALA A 7 13.63 -14.29 31.25
N LEU A 8 14.05 -13.19 30.61
CA LEU A 8 13.81 -12.96 29.20
C LEU A 8 15.14 -12.86 28.48
N VAL A 9 15.36 -13.72 27.47
CA VAL A 9 16.51 -13.62 26.60
C VAL A 9 16.11 -12.85 25.36
N CYS A 10 16.68 -11.64 25.25
CA CYS A 10 16.39 -10.65 24.25
C CYS A 10 17.70 -10.33 23.56
N ASP A 11 17.81 -10.63 22.26
CA ASP A 11 19.04 -10.42 21.54
C ASP A 11 18.86 -9.21 20.64
N ASN A 12 19.73 -8.21 20.87
CA ASN A 12 19.95 -7.03 20.07
C ASN A 12 20.76 -7.40 18.85
N GLY A 13 20.15 -8.21 17.96
CA GLY A 13 20.64 -8.55 16.65
C GLY A 13 21.16 -7.46 15.78
N SER A 14 22.09 -7.83 14.89
CA SER A 14 22.56 -6.98 13.82
C SER A 14 21.49 -6.75 12.78
N GLY A 15 20.68 -7.82 12.54
CA GLY A 15 19.66 -7.89 11.53
C GLY A 15 18.30 -7.32 11.90
N LEU A 16 17.26 -8.06 12.37
CA LEU A 16 17.07 -9.42 12.86
C LEU A 16 17.31 -9.51 14.35
N VAL A 17 16.53 -8.74 15.12
CA VAL A 17 16.42 -8.82 16.57
C VAL A 17 15.61 -10.07 16.97
N LYS A 18 16.05 -10.80 18.03
CA LYS A 18 15.41 -12.04 18.46
C LYS A 18 14.90 -11.87 19.90
N ALA A 19 13.65 -12.29 20.22
CA ALA A 19 13.09 -12.21 21.56
C ALA A 19 12.26 -13.44 21.95
N GLY A 20 12.45 -13.94 23.20
CA GLY A 20 11.72 -15.09 23.69
C GLY A 20 12.09 -15.33 25.13
N PHE A 21 11.18 -15.84 26.01
CA PHE A 21 11.57 -16.07 27.41
C PHE A 21 12.65 -17.16 27.50
N ALA A 22 13.29 -17.38 28.67
CA ALA A 22 14.38 -18.35 28.76
C ALA A 22 13.94 -19.79 28.51
N GLY A 23 14.53 -20.43 27.48
CA GLY A 23 14.18 -21.76 26.98
C GLY A 23 12.76 -21.93 26.45
N ASP A 24 12.36 -23.13 26.01
CA ASP A 24 13.10 -24.37 26.02
C ASP A 24 13.74 -24.64 24.67
N ASP A 25 12.99 -24.35 23.59
CA ASP A 25 13.28 -24.75 22.23
C ASP A 25 13.86 -23.64 21.34
N ALA A 26 13.01 -22.80 20.71
CA ALA A 26 13.45 -21.82 19.73
C ALA A 26 12.77 -20.47 20.00
N PRO A 27 13.33 -19.32 19.61
CA PRO A 27 12.75 -18.00 19.88
C PRO A 27 11.30 -17.84 19.44
N ARG A 28 10.48 -17.23 20.30
CA ARG A 28 9.08 -16.95 20.05
C ARG A 28 8.87 -15.85 19.01
N ALA A 29 9.71 -14.81 18.99
CA ALA A 29 9.58 -13.70 18.08
C ALA A 29 10.91 -13.33 17.47
N VAL A 30 10.97 -13.21 16.13
CA VAL A 30 12.16 -12.77 15.41
C VAL A 30 11.65 -11.75 14.41
N PHE A 31 12.34 -10.59 14.29
CA PHE A 31 11.81 -9.53 13.44
C PHE A 31 12.90 -8.59 12.94
N PRO A 32 12.71 -7.90 11.81
CA PRO A 32 13.83 -7.26 11.11
C PRO A 32 14.17 -5.88 11.62
N SER A 33 13.44 -5.30 12.59
CA SER A 33 13.76 -4.06 13.29
C SER A 33 13.58 -2.76 12.53
N ILE A 34 13.40 -2.81 11.20
CA ILE A 34 13.20 -1.66 10.33
C ILE A 34 12.04 -0.76 10.72
N VAL A 35 12.29 0.58 10.69
CA VAL A 35 11.27 1.60 10.72
C VAL A 35 11.26 2.34 9.41
N GLY A 36 10.06 2.68 8.89
CA GLY A 36 9.95 3.42 7.65
C GLY A 36 8.80 4.38 7.75
N ARG A 37 9.05 5.68 7.55
CA ARG A 37 7.98 6.67 7.57
C ARG A 37 7.35 6.75 6.18
N PRO A 38 6.08 7.12 6.01
CA PRO A 38 5.45 7.18 4.71
C PRO A 38 5.77 8.45 3.95
N ARG A 39 6.47 8.35 2.80
CA ARG A 39 6.88 9.51 2.03
C ARG A 39 5.75 10.16 1.24
N HIS A 40 4.69 9.39 0.89
CA HIS A 40 3.56 9.91 0.15
C HIS A 40 2.42 10.38 1.05
N GLN A 41 1.56 11.26 0.51
CA GLN A 41 0.42 11.84 1.17
C GLN A 41 -0.81 10.94 1.19
N GLY A 42 -1.60 11.03 2.28
CA GLY A 42 -2.79 10.20 2.47
C GLY A 42 -4.02 10.89 1.97
N VAL A 43 -4.95 10.15 1.33
CA VAL A 43 -6.17 10.73 0.76
C VAL A 43 -7.41 10.01 1.25
N MET A 44 -7.25 8.88 1.98
CA MET A 44 -8.34 8.10 2.55
C MET A 44 -9.04 8.77 3.72
N VAL A 45 -8.28 9.56 4.52
CA VAL A 45 -8.72 10.56 5.50
C VAL A 45 -8.72 9.96 6.90
N GLY A 46 -8.18 10.71 7.89
CA GLY A 46 -8.28 10.33 9.29
C GLY A 46 -7.19 10.92 10.18
N MET A 47 -5.89 10.76 9.89
CA MET A 47 -5.24 10.07 8.79
C MET A 47 -5.47 8.57 8.79
N GLY A 48 -5.40 7.94 9.99
CA GLY A 48 -5.77 6.54 10.18
C GLY A 48 -4.61 5.62 9.93
N GLN A 49 -3.38 6.15 10.01
CA GLN A 49 -2.15 5.47 9.66
C GLN A 49 -1.13 5.75 10.75
N LYS A 50 -0.17 4.83 10.98
CA LYS A 50 0.90 5.03 11.94
C LYS A 50 1.95 6.02 11.42
N ASP A 51 2.65 6.72 12.34
CA ASP A 51 3.68 7.70 12.02
C ASP A 51 4.94 7.09 11.40
N SER A 52 5.35 5.92 11.95
CA SER A 52 6.39 5.08 11.40
C SER A 52 5.99 3.65 11.66
N TYR A 53 6.03 2.79 10.63
CA TYR A 53 5.70 1.38 10.70
C TYR A 53 6.94 0.60 11.10
N VAL A 54 6.82 -0.28 12.12
CA VAL A 54 7.87 -1.21 12.52
C VAL A 54 7.74 -2.52 11.72
N GLY A 55 8.71 -3.46 11.81
CA GLY A 55 8.56 -4.83 11.28
C GLY A 55 7.84 -5.74 12.25
N ASP A 56 7.14 -6.81 11.83
CA ASP A 56 6.94 -7.39 10.51
C ASP A 56 6.22 -6.51 9.48
N GLU A 57 5.20 -5.72 9.87
CA GLU A 57 4.36 -4.97 8.95
C GLU A 57 5.06 -4.01 7.97
N ALA A 58 6.24 -3.47 8.30
CA ALA A 58 7.06 -2.70 7.37
C ALA A 58 7.81 -3.53 6.32
N GLN A 59 7.68 -4.88 6.35
CA GLN A 59 8.23 -5.75 5.32
C GLN A 59 7.07 -6.39 4.55
N SER A 60 5.83 -6.19 5.02
CA SER A 60 4.61 -6.61 4.34
C SER A 60 3.94 -5.47 3.61
N LYS A 61 4.49 -4.25 3.72
CA LYS A 61 3.93 -3.05 3.17
C LYS A 61 5.05 -2.09 2.81
N ARG A 62 5.81 -2.46 1.76
CA ARG A 62 6.94 -1.69 1.27
C ARG A 62 6.58 -0.78 0.10
N GLY A 63 7.51 0.13 -0.27
CA GLY A 63 7.36 0.98 -1.45
C GLY A 63 6.50 2.20 -1.27
N ILE A 64 5.93 2.37 -0.07
CA ILE A 64 5.16 3.56 0.29
C ILE A 64 5.84 4.23 1.48
N LEU A 65 7.00 3.67 1.87
CA LEU A 65 7.79 4.09 3.01
C LEU A 65 9.21 4.22 2.55
N THR A 66 10.11 4.75 3.40
CA THR A 66 11.54 4.72 3.15
C THR A 66 12.21 3.97 4.28
N LEU A 67 12.49 2.66 4.10
CA LEU A 67 13.01 1.80 5.16
C LEU A 67 14.38 2.23 5.70
N LYS A 68 14.49 2.37 7.03
CA LYS A 68 15.72 2.74 7.73
C LYS A 68 16.01 1.83 8.92
N TYR A 69 17.05 0.97 8.83
CA TYR A 69 17.47 0.12 9.94
C TYR A 69 17.93 0.98 11.14
N PRO A 70 17.58 0.70 12.41
CA PRO A 70 17.97 1.59 13.52
C PRO A 70 19.41 1.39 13.96
N ILE A 71 20.03 0.27 13.61
CA ILE A 71 21.40 -0.04 13.95
C ILE A 71 22.28 0.00 12.71
N GLU A 72 23.33 0.85 12.76
CA GLU A 72 24.15 1.21 11.62
C GLU A 72 25.60 1.08 12.04
N HIS A 73 26.32 0.10 11.46
CA HIS A 73 27.68 -0.30 11.80
C HIS A 73 27.82 -0.77 13.24
N GLY A 74 26.79 -1.47 13.75
CA GLY A 74 26.79 -2.10 15.07
C GLY A 74 26.48 -1.16 16.22
N ILE A 75 26.22 0.12 15.93
CA ILE A 75 25.83 1.12 16.92
C ILE A 75 24.46 1.70 16.57
N ILE A 76 23.65 1.99 17.60
CA ILE A 76 22.31 2.56 17.47
C ILE A 76 22.36 3.98 16.89
N THR A 77 21.55 4.29 15.86
CA THR A 77 21.59 5.62 15.25
C THR A 77 20.93 6.67 16.14
N ASN A 78 19.76 6.35 16.73
CA ASN A 78 19.14 7.18 17.73
C ASN A 78 18.29 6.30 18.62
N TRP A 79 18.25 6.61 19.93
CA TRP A 79 17.47 5.79 20.84
C TRP A 79 15.99 6.14 20.81
N ASP A 80 15.61 7.19 20.05
CA ASP A 80 14.24 7.57 19.78
C ASP A 80 13.48 6.53 18.96
N ASP A 81 14.15 5.92 17.94
CA ASP A 81 13.57 4.85 17.15
C ASP A 81 13.76 3.54 17.89
N MET A 82 14.92 3.31 18.51
CA MET A 82 15.21 2.09 19.26
C MET A 82 14.25 1.79 20.40
N GLU A 83 13.95 2.79 21.25
CA GLU A 83 12.98 2.68 22.32
C GLU A 83 11.59 2.34 21.80
N LYS A 84 11.23 2.85 20.60
CA LYS A 84 9.97 2.58 19.95
C LYS A 84 9.88 1.15 19.41
N ILE A 85 10.99 0.59 18.87
CA ILE A 85 11.13 -0.86 18.58
C ILE A 85 10.80 -1.69 19.81
N TRP A 86 11.49 -1.39 20.93
CA TRP A 86 11.33 -2.07 22.20
C TRP A 86 9.90 -2.01 22.71
N HIS A 87 9.33 -0.80 22.85
CA HIS A 87 7.95 -0.59 23.28
C HIS A 87 6.93 -1.34 22.43
N HIS A 88 7.01 -1.25 21.09
CA HIS A 88 6.12 -1.96 20.16
C HIS A 88 6.17 -3.47 20.31
N THR A 89 7.40 -4.02 20.37
CA THR A 89 7.69 -5.45 20.55
C THR A 89 7.22 -6.00 21.87
N PHE A 90 7.61 -5.38 23.01
CA PHE A 90 7.19 -5.85 24.31
C PHE A 90 5.68 -5.77 24.49
N TYR A 91 5.05 -4.64 24.13
CA TYR A 91 3.64 -4.49 24.38
C TYR A 91 2.66 -5.18 23.41
N ASN A 92 2.78 -4.99 22.06
CA ASN A 92 1.75 -5.50 21.15
C ASN A 92 2.12 -6.75 20.37
N GLU A 93 3.27 -7.40 20.69
CA GLU A 93 3.71 -8.65 20.12
C GLU A 93 3.80 -9.62 21.27
N LEU A 94 4.88 -9.55 22.06
CA LEU A 94 5.14 -10.47 23.15
C LEU A 94 4.05 -10.41 24.22
N ARG A 95 3.57 -9.20 24.54
CA ARG A 95 2.53 -8.90 25.52
C ARG A 95 3.08 -9.06 26.92
N VAL A 96 4.17 -8.31 27.21
CA VAL A 96 4.91 -8.41 28.45
C VAL A 96 5.35 -7.03 28.92
N ALA A 97 5.37 -6.81 30.24
CA ALA A 97 5.92 -5.62 30.84
C ALA A 97 7.37 -5.89 31.29
N PRO A 98 8.38 -5.09 30.92
CA PRO A 98 9.77 -5.27 31.38
C PRO A 98 10.01 -5.28 32.87
N GLU A 99 9.03 -4.86 33.70
CA GLU A 99 9.17 -4.83 35.13
C GLU A 99 8.92 -6.17 35.79
N GLU A 100 8.28 -7.10 35.04
CA GLU A 100 7.97 -8.46 35.45
C GLU A 100 9.16 -9.41 35.50
N HIS A 101 10.13 -9.27 34.58
CA HIS A 101 11.22 -10.21 34.43
C HIS A 101 12.57 -9.52 34.59
N PRO A 102 13.57 -10.03 35.31
CA PRO A 102 14.96 -9.70 35.03
C PRO A 102 15.38 -10.06 33.61
N THR A 103 16.03 -9.13 32.88
CA THR A 103 16.28 -9.31 31.46
C THR A 103 17.73 -9.60 31.13
N LEU A 104 18.01 -10.02 29.90
CA LEU A 104 19.31 -10.30 29.35
C LEU A 104 19.38 -9.59 28.02
N LEU A 105 20.32 -8.65 27.83
CA LEU A 105 20.46 -7.91 26.60
C LEU A 105 21.81 -8.27 26.00
N THR A 106 21.98 -8.09 24.68
CA THR A 106 23.24 -8.40 24.02
C THR A 106 23.88 -7.18 23.39
N GLU A 107 25.21 -7.27 23.13
CA GLU A 107 25.94 -6.22 22.42
C GLU A 107 26.97 -6.88 21.51
N ALA A 108 27.81 -6.09 20.81
CA ALA A 108 28.92 -6.61 20.02
C ALA A 108 30.23 -6.73 20.80
N PRO A 109 31.15 -7.66 20.46
CA PRO A 109 32.42 -7.84 21.16
C PRO A 109 33.32 -6.63 21.20
N LEU A 110 33.53 -5.95 20.05
CA LEU A 110 34.31 -4.75 19.94
C LEU A 110 33.38 -3.73 19.34
N ASN A 111 33.03 -2.70 20.11
CA ASN A 111 32.03 -1.74 19.71
C ASN A 111 32.31 -0.40 20.40
N PRO A 112 31.86 0.75 19.90
CA PRO A 112 32.18 2.02 20.54
C PRO A 112 31.54 2.24 21.90
N LYS A 113 32.25 2.92 22.82
CA LYS A 113 31.70 3.40 24.06
C LYS A 113 31.10 4.77 23.76
N ALA A 114 29.91 5.14 24.26
CA ALA A 114 29.17 4.58 25.36
C ALA A 114 27.93 3.80 24.93
N ASN A 115 27.97 3.06 23.80
CA ASN A 115 26.85 2.24 23.31
C ASN A 115 26.24 1.22 24.28
N ARG A 116 27.00 0.63 25.22
CA ARG A 116 26.41 -0.34 26.13
C ARG A 116 25.91 0.34 27.38
N GLU A 117 26.61 1.40 27.80
CA GLU A 117 26.22 2.32 28.85
C GLU A 117 24.91 3.00 28.52
N LYS A 118 24.87 3.91 27.51
CA LYS A 118 23.67 4.60 27.02
C LYS A 118 22.43 3.72 26.86
N MET A 119 22.61 2.47 26.35
CA MET A 119 21.58 1.45 26.26
C MET A 119 21.06 1.07 27.64
N THR A 120 21.95 0.51 28.49
CA THR A 120 21.67 0.10 29.87
C THR A 120 21.01 1.21 30.70
N GLN A 121 21.50 2.45 30.54
CA GLN A 121 21.07 3.61 31.30
C GLN A 121 19.69 4.08 30.86
N ILE A 122 19.47 4.31 29.55
CA ILE A 122 18.16 4.65 29.01
C ILE A 122 17.10 3.58 29.27
N MET A 123 17.43 2.29 29.05
CA MET A 123 16.50 1.19 29.25
C MET A 123 16.04 1.00 30.69
N PHE A 124 16.88 1.38 31.67
CA PHE A 124 16.55 1.33 33.08
C PHE A 124 15.61 2.46 33.46
N GLU A 125 15.77 3.68 32.91
CA GLU A 125 14.92 4.79 33.27
C GLU A 125 13.62 4.83 32.49
N THR A 126 13.63 4.34 31.24
CA THR A 126 12.45 4.31 30.39
C THR A 126 11.55 3.14 30.72
N PHE A 127 12.09 1.89 30.78
CA PHE A 127 11.25 0.72 30.92
C PHE A 127 11.22 0.17 32.34
N ASN A 128 12.15 0.61 33.23
CA ASN A 128 12.10 0.40 34.67
C ASN A 128 12.33 -1.05 35.11
N VAL A 129 12.99 -1.83 34.23
CA VAL A 129 13.56 -3.17 34.41
C VAL A 129 14.14 -3.47 35.81
N PRO A 130 13.97 -4.64 36.44
CA PRO A 130 14.41 -4.80 37.83
C PRO A 130 15.86 -5.25 37.89
N ALA A 131 16.32 -6.04 36.91
CA ALA A 131 17.71 -6.42 36.82
C ALA A 131 18.07 -6.75 35.38
N MET A 132 19.37 -6.66 35.06
CA MET A 132 19.86 -6.77 33.71
C MET A 132 21.26 -7.35 33.68
N TYR A 133 21.65 -8.00 32.57
CA TYR A 133 23.01 -8.40 32.29
C TYR A 133 23.20 -8.11 30.82
N VAL A 134 24.42 -7.75 30.36
CA VAL A 134 24.64 -7.55 28.93
C VAL A 134 25.78 -8.45 28.47
N ALA A 135 25.43 -9.45 27.62
CA ALA A 135 26.36 -10.41 27.04
C ALA A 135 26.71 -10.16 25.58
N ILE A 136 27.96 -10.39 25.16
CA ILE A 136 28.32 -10.30 23.75
C ILE A 136 27.74 -11.48 22.94
N GLN A 137 27.27 -11.31 21.68
CA GLN A 137 26.57 -12.37 20.95
C GLN A 137 27.46 -13.58 20.67
N ALA A 138 28.78 -13.35 20.55
CA ALA A 138 29.74 -14.39 20.29
C ALA A 138 29.92 -15.35 21.46
N VAL A 139 30.13 -14.85 22.71
CA VAL A 139 30.28 -15.71 23.88
C VAL A 139 29.13 -16.67 24.10
N LEU A 140 27.88 -16.20 23.87
CA LEU A 140 26.69 -17.01 23.99
C LEU A 140 26.64 -18.16 22.99
N SER A 141 27.26 -17.99 21.81
CA SER A 141 27.31 -19.04 20.78
C SER A 141 28.21 -20.21 21.15
N LEU A 142 29.06 -20.08 22.20
CA LEU A 142 29.87 -21.17 22.70
C LEU A 142 29.05 -22.18 23.45
N TYR A 143 28.17 -21.67 24.35
CA TYR A 143 27.29 -22.46 25.17
C TYR A 143 26.26 -23.20 24.32
N ALA A 144 25.73 -22.50 23.29
CA ALA A 144 24.85 -23.06 22.28
C ALA A 144 25.50 -24.16 21.45
N SER A 145 26.82 -24.05 21.21
CA SER A 145 27.60 -25.04 20.49
C SER A 145 28.23 -26.07 21.41
N GLY A 146 27.88 -26.06 22.71
CA GLY A 146 28.28 -27.05 23.72
C GLY A 146 29.74 -27.12 24.01
N ARG A 147 30.48 -25.99 23.94
CA ARG A 147 31.91 -26.02 24.20
C ARG A 147 32.41 -24.73 24.82
N THR A 148 33.68 -24.72 25.28
CA THR A 148 34.29 -23.57 25.94
C THR A 148 35.61 -23.17 25.29
N THR A 149 35.93 -23.73 24.12
CA THR A 149 37.18 -23.50 23.40
C THR A 149 36.81 -23.24 21.96
N GLY A 150 37.55 -22.36 21.25
CA GLY A 150 37.34 -22.11 19.85
C GLY A 150 37.22 -20.66 19.48
N ILE A 151 37.42 -20.39 18.17
CA ILE A 151 37.24 -19.06 17.62
C ILE A 151 35.83 -18.93 17.10
N VAL A 152 35.12 -17.91 17.62
CA VAL A 152 33.70 -17.72 17.44
C VAL A 152 33.38 -16.67 16.38
N LEU A 153 32.58 -17.10 15.39
CA LEU A 153 32.11 -16.33 14.27
C LEU A 153 30.67 -15.87 14.35
N ASP A 154 30.41 -14.62 14.80
CA ASP A 154 29.06 -14.08 14.82
C ASP A 154 29.08 -13.15 13.64
N SER A 155 28.36 -13.57 12.59
CA SER A 155 28.38 -12.92 11.30
C SER A 155 26.97 -12.53 10.95
N GLY A 156 26.66 -11.21 11.00
CA GLY A 156 25.39 -10.64 10.60
C GLY A 156 25.49 -9.47 9.68
N ASP A 157 24.38 -9.12 9.00
CA ASP A 157 24.24 -7.84 8.33
C ASP A 157 24.15 -6.72 9.40
N GLY A 158 25.06 -5.72 9.53
CA GLY A 158 26.32 -5.48 8.84
C GLY A 158 27.62 -5.57 9.61
N VAL A 159 27.74 -6.41 10.65
CA VAL A 159 29.02 -6.57 11.33
C VAL A 159 29.26 -8.06 11.57
N THR A 160 30.38 -8.58 11.03
CA THR A 160 30.91 -9.90 11.36
C THR A 160 32.02 -9.80 12.40
N HIS A 161 32.34 -10.89 13.12
CA HIS A 161 33.45 -10.85 14.07
C HIS A 161 34.18 -12.19 14.17
N ASN A 162 35.47 -12.16 14.59
CA ASN A 162 36.29 -13.34 14.79
C ASN A 162 36.95 -13.31 16.18
N VAL A 163 36.35 -13.92 17.22
CA VAL A 163 36.83 -13.83 18.60
C VAL A 163 37.46 -15.14 19.09
N PRO A 164 38.75 -15.27 19.44
CA PRO A 164 39.31 -16.53 19.93
C PRO A 164 39.17 -16.73 21.45
N ILE A 165 38.62 -17.87 21.88
CA ILE A 165 38.36 -18.27 23.26
C ILE A 165 38.98 -19.64 23.57
N TYR A 166 39.70 -19.81 24.70
CA TYR A 166 40.23 -21.11 25.10
C TYR A 166 39.79 -21.43 26.53
N GLU A 167 39.33 -22.68 26.81
CA GLU A 167 38.89 -23.20 28.10
C GLU A 167 39.55 -22.64 29.37
N GLY A 168 38.90 -21.73 30.14
CA GLY A 168 37.63 -21.03 29.88
C GLY A 168 37.83 -19.54 30.05
N TYR A 169 38.78 -19.00 29.28
CA TYR A 169 39.21 -17.62 29.34
C TYR A 169 39.30 -17.01 27.94
N ALA A 170 39.31 -15.67 27.88
CA ALA A 170 39.34 -14.94 26.63
C ALA A 170 40.74 -14.44 26.34
N LEU A 171 41.17 -14.48 25.06
CA LEU A 171 42.48 -14.02 24.67
C LEU A 171 42.35 -12.63 24.05
N PRO A 172 42.77 -11.52 24.68
CA PRO A 172 42.51 -10.17 24.16
C PRO A 172 43.50 -9.76 23.09
N HIS A 173 44.60 -10.50 22.91
CA HIS A 173 45.73 -10.08 22.08
C HIS A 173 45.59 -10.58 20.64
N ALA A 174 44.39 -11.03 20.25
CA ALA A 174 44.13 -11.61 18.93
C ALA A 174 42.70 -11.42 18.44
N ILE A 175 41.97 -10.39 18.91
CA ILE A 175 40.57 -10.16 18.56
C ILE A 175 40.40 -9.35 17.27
N MET A 176 39.64 -9.89 16.28
CA MET A 176 39.38 -9.22 15.00
C MET A 176 37.91 -8.86 14.72
N ARG A 177 37.63 -7.58 14.37
CA ARG A 177 36.32 -7.12 13.95
C ARG A 177 36.33 -6.75 12.47
N LEU A 178 35.50 -7.40 11.62
CA LEU A 178 35.36 -7.01 10.22
C LEU A 178 34.03 -6.30 10.00
N ASP A 179 34.05 -5.11 9.39
CA ASP A 179 32.84 -4.40 9.00
C ASP A 179 32.53 -4.62 7.51
N LEU A 180 33.35 -5.47 6.87
CA LEU A 180 33.26 -5.88 5.48
C LEU A 180 31.95 -6.60 5.14
N ALA A 181 31.44 -7.43 6.06
CA ALA A 181 30.22 -8.19 5.88
C ALA A 181 29.24 -7.82 6.97
N GLY A 182 27.90 -7.83 6.75
CA GLY A 182 27.21 -8.34 5.56
C GLY A 182 26.38 -7.37 4.75
N ARG A 183 26.03 -6.16 5.24
CA ARG A 183 25.25 -5.20 4.45
C ARG A 183 25.95 -4.67 3.22
N ASP A 184 27.29 -4.67 3.19
CA ASP A 184 28.07 -4.30 2.04
C ASP A 184 28.08 -5.40 0.99
N LEU A 185 27.83 -6.66 1.40
CA LEU A 185 27.61 -7.79 0.50
C LEU A 185 26.24 -7.65 -0.14
N THR A 186 25.24 -7.22 0.65
CA THR A 186 23.90 -6.86 0.15
C THR A 186 23.97 -5.73 -0.88
N ASP A 187 24.66 -4.61 -0.54
CA ASP A 187 24.85 -3.47 -1.42
C ASP A 187 25.62 -3.84 -2.71
N TYR A 188 26.62 -4.73 -2.61
CA TYR A 188 27.36 -5.25 -3.76
C TYR A 188 26.51 -6.14 -4.65
N LEU A 189 25.67 -7.02 -4.08
CA LEU A 189 24.70 -7.81 -4.82
C LEU A 189 23.71 -6.95 -5.58
N MET A 190 23.24 -5.86 -4.96
CA MET A 190 22.38 -4.89 -5.61
C MET A 190 23.07 -4.16 -6.77
N LYS A 191 24.39 -3.93 -6.69
CA LYS A 191 25.11 -3.32 -7.79
C LYS A 191 25.39 -4.28 -8.93
N ILE A 192 25.54 -5.60 -8.67
CA ILE A 192 25.76 -6.52 -9.77
C ILE A 192 24.52 -7.23 -10.25
N LEU A 193 23.33 -7.03 -9.62
CA LEU A 193 22.10 -7.37 -10.32
C LEU A 193 21.61 -6.18 -11.13
N THR A 194 21.97 -4.94 -10.74
CA THR A 194 21.74 -3.76 -11.57
C THR A 194 22.54 -3.81 -12.87
N GLU A 195 23.71 -4.48 -12.82
CA GLU A 195 24.56 -4.76 -13.97
C GLU A 195 23.93 -5.66 -15.03
N ARG A 196 22.92 -6.47 -14.68
CA ARG A 196 22.17 -7.26 -15.65
C ARG A 196 20.75 -6.72 -15.79
N GLY A 197 20.55 -5.42 -15.49
CA GLY A 197 19.34 -4.69 -15.87
C GLY A 197 18.20 -4.83 -14.91
N TYR A 198 18.44 -5.46 -13.75
CA TYR A 198 17.45 -5.65 -12.71
C TYR A 198 17.63 -4.51 -11.71
N SER A 199 16.98 -3.37 -11.96
CA SER A 199 17.17 -2.16 -11.16
C SER A 199 16.50 -2.17 -9.79
N PHE A 200 17.31 -1.87 -8.75
CA PHE A 200 16.93 -1.92 -7.35
C PHE A 200 17.67 -0.80 -6.64
N VAL A 201 17.48 0.46 -7.07
CA VAL A 201 18.32 1.58 -6.70
C VAL A 201 17.85 2.32 -5.45
N THR A 202 16.69 1.93 -4.90
CA THR A 202 16.03 2.64 -3.81
C THR A 202 16.13 1.82 -2.55
N THR A 203 16.07 2.47 -1.36
CA THR A 203 16.31 1.84 -0.07
C THR A 203 15.39 0.68 0.27
N ALA A 204 14.05 0.85 0.16
CA ALA A 204 13.09 -0.21 0.35
C ALA A 204 13.26 -1.42 -0.57
N GLU A 205 13.43 -1.18 -1.89
CA GLU A 205 13.55 -2.24 -2.90
C GLU A 205 14.78 -3.12 -2.70
N ARG A 206 15.82 -2.58 -2.01
CA ARG A 206 17.02 -3.31 -1.62
C ARG A 206 16.73 -4.53 -0.76
N GLU A 207 15.66 -4.52 0.06
CA GLU A 207 15.25 -5.66 0.88
C GLU A 207 14.96 -6.92 0.09
N ILE A 208 14.31 -6.82 -1.08
CA ILE A 208 14.03 -7.94 -1.97
C ILE A 208 15.34 -8.61 -2.43
N VAL A 209 16.38 -7.79 -2.72
CA VAL A 209 17.74 -8.22 -3.01
C VAL A 209 18.34 -9.04 -1.88
N ARG A 210 18.17 -8.58 -0.62
CA ARG A 210 18.59 -9.28 0.58
C ARG A 210 17.98 -10.68 0.72
N ASP A 211 16.70 -10.84 0.32
CA ASP A 211 16.04 -12.13 0.31
C ASP A 211 16.63 -13.06 -0.78
N ILE A 212 17.00 -12.49 -1.94
CA ILE A 212 17.70 -13.19 -3.03
C ILE A 212 19.16 -13.51 -2.68
N LYS A 213 19.75 -12.79 -1.70
CA LYS A 213 21.05 -13.08 -1.12
C LYS A 213 20.99 -14.34 -0.28
N GLU A 214 19.86 -14.58 0.42
CA GLU A 214 19.62 -15.82 1.15
C GLU A 214 19.58 -17.04 0.22
N LYS A 215 18.54 -17.16 -0.62
CA LYS A 215 18.20 -18.39 -1.32
C LYS A 215 19.08 -18.75 -2.51
N LEU A 216 19.29 -17.83 -3.47
CA LEU A 216 19.93 -18.17 -4.72
C LEU A 216 21.44 -18.34 -4.69
N CYS A 217 22.14 -17.45 -3.95
CA CYS A 217 23.59 -17.44 -3.88
C CYS A 217 24.20 -18.64 -3.17
N TYR A 218 25.42 -19.07 -3.56
CA TYR A 218 26.10 -20.18 -2.91
C TYR A 218 27.62 -19.97 -2.91
N VAL A 219 28.36 -20.75 -2.10
CA VAL A 219 29.81 -20.66 -2.04
C VAL A 219 30.43 -21.70 -2.97
N ALA A 220 31.27 -21.27 -3.94
CA ALA A 220 31.96 -22.17 -4.83
C ALA A 220 33.05 -23.00 -4.12
N LEU A 221 33.22 -24.28 -4.50
CA LEU A 221 34.30 -25.10 -3.97
C LEU A 221 35.67 -24.71 -4.53
N ASP A 222 35.71 -24.32 -5.82
CA ASP A 222 36.91 -23.91 -6.52
C ASP A 222 36.54 -22.82 -7.52
N PHE A 223 36.91 -21.54 -7.24
CA PHE A 223 36.55 -20.36 -8.03
C PHE A 223 36.90 -20.47 -9.51
N GLU A 224 38.20 -20.64 -9.83
CA GLU A 224 38.74 -20.71 -11.19
C GLU A 224 38.08 -21.75 -12.09
N ASN A 225 37.74 -22.92 -11.53
CA ASN A 225 37.13 -24.00 -12.28
C ASN A 225 35.62 -23.80 -12.39
N GLU A 226 35.00 -23.12 -11.41
CA GLU A 226 33.60 -22.75 -11.54
C GLU A 226 33.41 -21.62 -12.57
N MET A 227 34.40 -20.70 -12.70
CA MET A 227 34.41 -19.67 -13.74
C MET A 227 34.57 -20.23 -15.14
N ALA A 228 35.43 -21.26 -15.28
CA ALA A 228 35.56 -22.06 -16.48
C ALA A 228 34.26 -22.74 -16.87
N THR A 229 33.69 -23.47 -15.90
CA THR A 229 32.49 -24.25 -16.13
C THR A 229 31.22 -23.42 -16.28
N ALA A 230 31.20 -22.16 -15.78
CA ALA A 230 30.18 -21.17 -16.08
C ALA A 230 30.14 -20.73 -17.55
N ALA A 231 31.33 -20.63 -18.19
CA ALA A 231 31.50 -20.33 -19.60
C ALA A 231 31.02 -21.47 -20.51
N SER A 232 31.01 -22.70 -19.97
CA SER A 232 30.45 -23.88 -20.60
C SER A 232 28.93 -23.76 -20.74
N SER A 233 28.32 -24.41 -21.74
CA SER A 233 26.93 -24.18 -22.12
C SER A 233 25.91 -24.53 -21.07
N SER A 234 26.10 -25.69 -20.39
CA SER A 234 25.18 -26.16 -19.37
C SER A 234 24.98 -25.21 -18.19
N SER A 235 23.71 -24.95 -17.84
CA SER A 235 23.30 -23.86 -16.96
C SER A 235 23.64 -23.97 -15.48
N LEU A 236 24.28 -22.93 -14.91
CA LEU A 236 24.36 -22.70 -13.48
C LEU A 236 23.50 -21.49 -13.10
N GLU A 237 22.74 -20.96 -14.08
CA GLU A 237 21.87 -19.81 -13.98
C GLU A 237 20.46 -20.23 -13.58
N LYS A 238 19.90 -19.55 -12.55
CA LYS A 238 18.58 -19.82 -12.01
C LYS A 238 17.61 -18.67 -12.22
N SER A 239 16.36 -19.00 -12.59
CA SER A 239 15.30 -18.05 -12.91
C SER A 239 14.41 -17.83 -11.70
N TYR A 240 14.42 -16.60 -11.16
CA TYR A 240 13.64 -16.16 -10.02
C TYR A 240 12.35 -15.48 -10.46
N GLU A 241 11.28 -15.53 -9.63
CA GLU A 241 10.02 -14.83 -9.89
C GLU A 241 9.83 -13.70 -8.89
N LEU A 242 9.34 -12.54 -9.36
CA LEU A 242 9.31 -11.29 -8.61
C LEU A 242 7.86 -10.89 -8.34
N PRO A 243 7.51 -10.09 -7.31
CA PRO A 243 6.13 -9.76 -7.00
C PRO A 243 5.30 -9.09 -8.08
N ASP A 244 5.90 -8.40 -9.07
CA ASP A 244 5.17 -7.82 -10.17
C ASP A 244 5.09 -8.73 -11.40
N GLY A 245 5.60 -9.98 -11.28
CA GLY A 245 5.53 -11.00 -12.33
C GLY A 245 6.82 -11.20 -13.06
N GLN A 246 7.86 -10.39 -12.75
CA GLN A 246 9.09 -10.36 -13.50
C GLN A 246 9.95 -11.60 -13.28
N VAL A 247 10.72 -12.00 -14.30
CA VAL A 247 11.63 -13.13 -14.22
C VAL A 247 13.07 -12.64 -14.26
N ILE A 248 13.83 -12.92 -13.17
CA ILE A 248 15.20 -12.47 -13.03
C ILE A 248 16.09 -13.70 -13.16
N THR A 249 17.10 -13.68 -14.05
CA THR A 249 18.01 -14.81 -14.24
C THR A 249 19.43 -14.49 -13.81
N ILE A 250 19.90 -14.96 -12.64
CA ILE A 250 21.28 -14.78 -12.19
C ILE A 250 22.07 -16.08 -12.20
N GLY A 251 23.35 -16.03 -12.64
CA GLY A 251 24.20 -17.22 -12.74
C GLY A 251 25.63 -17.05 -12.33
N ASN A 252 26.45 -16.29 -13.08
CA ASN A 252 27.86 -16.08 -12.74
C ASN A 252 28.04 -15.40 -11.38
N GLU A 253 27.37 -14.25 -11.19
CA GLU A 253 27.35 -13.51 -9.94
C GLU A 253 26.86 -14.29 -8.71
N ARG A 254 26.05 -15.34 -8.94
CA ARG A 254 25.50 -16.26 -7.96
C ARG A 254 26.49 -16.97 -7.06
N PHE A 255 27.64 -17.40 -7.61
CA PHE A 255 28.70 -17.98 -6.79
C PHE A 255 29.80 -16.98 -6.46
N ARG A 256 29.86 -15.85 -7.19
CA ARG A 256 30.81 -14.80 -6.93
C ARG A 256 30.54 -14.07 -5.63
N CYS A 257 29.28 -13.62 -5.41
CA CYS A 257 28.94 -12.87 -4.22
C CYS A 257 29.34 -13.48 -2.86
N PRO A 258 29.05 -14.73 -2.43
CA PRO A 258 29.50 -15.22 -1.14
C PRO A 258 31.00 -15.38 -1.01
N GLU A 259 31.71 -15.67 -2.11
CA GLU A 259 33.16 -15.79 -2.21
C GLU A 259 33.89 -14.56 -1.70
N THR A 260 33.25 -13.38 -1.77
CA THR A 260 33.68 -12.10 -1.18
C THR A 260 34.23 -12.16 0.24
N LEU A 261 33.72 -13.10 1.07
CA LEU A 261 34.20 -13.31 2.42
C LEU A 261 35.65 -13.79 2.47
N PHE A 262 36.05 -14.61 1.50
CA PHE A 262 37.43 -14.97 1.24
C PHE A 262 38.18 -13.93 0.41
N GLN A 263 37.54 -13.43 -0.67
CA GLN A 263 38.10 -12.47 -1.62
C GLN A 263 37.55 -11.04 -1.51
N PRO A 264 38.04 -10.15 -0.64
CA PRO A 264 37.53 -8.77 -0.50
C PRO A 264 37.86 -7.89 -1.69
N SER A 265 38.67 -8.39 -2.64
CA SER A 265 38.98 -7.76 -3.91
C SER A 265 37.75 -7.48 -4.77
N PHE A 266 36.65 -8.24 -4.61
CA PHE A 266 35.38 -7.98 -5.29
C PHE A 266 34.75 -6.66 -4.86
N ILE A 267 34.75 -6.35 -3.54
CA ILE A 267 34.24 -5.10 -3.00
C ILE A 267 35.13 -3.92 -3.38
N GLY A 268 36.46 -4.12 -3.32
CA GLY A 268 37.41 -3.03 -3.48
C GLY A 268 37.73 -2.41 -2.16
N MET A 269 37.74 -3.23 -1.09
CA MET A 269 38.06 -2.83 0.25
C MET A 269 39.29 -3.61 0.68
N GLU A 270 40.22 -2.99 1.44
CA GLU A 270 41.51 -3.62 1.72
C GLU A 270 41.43 -4.69 2.81
N SER A 271 40.50 -4.53 3.78
CA SER A 271 40.22 -5.45 4.88
C SER A 271 40.34 -6.93 4.59
N ALA A 272 41.14 -7.66 5.39
CA ALA A 272 41.46 -9.06 5.15
C ALA A 272 40.28 -10.03 5.17
N GLY A 273 40.35 -11.12 4.35
CA GLY A 273 39.27 -12.10 4.22
C GLY A 273 39.18 -13.00 5.43
N ILE A 274 38.00 -13.63 5.65
CA ILE A 274 37.75 -14.55 6.77
C ILE A 274 38.74 -15.70 6.92
N HIS A 275 39.14 -16.35 5.80
CA HIS A 275 40.37 -17.13 5.64
C HIS A 275 41.56 -16.62 6.43
N GLU A 276 41.98 -15.38 6.12
CA GLU A 276 43.18 -14.81 6.65
C GLU A 276 42.98 -14.20 8.03
N THR A 277 41.79 -13.66 8.39
CA THR A 277 41.59 -13.15 9.76
C THR A 277 41.48 -14.26 10.78
N THR A 278 40.97 -15.43 10.37
CA THR A 278 40.96 -16.66 11.15
C THR A 278 42.37 -17.14 11.42
N TYR A 279 43.16 -17.33 10.35
CA TYR A 279 44.54 -17.75 10.47
C TYR A 279 45.41 -16.78 11.27
N ASN A 280 45.34 -15.48 10.94
CA ASN A 280 46.12 -14.42 11.57
C ASN A 280 45.77 -14.15 13.03
N SER A 281 44.54 -14.49 13.49
CA SER A 281 44.20 -14.42 14.90
C SER A 281 44.68 -15.63 15.68
N ILE A 282 44.65 -16.84 15.09
CA ILE A 282 45.20 -18.03 15.72
C ILE A 282 46.70 -17.90 15.86
N MET A 283 47.40 -17.49 14.78
CA MET A 283 48.83 -17.24 14.82
C MET A 283 49.24 -15.89 15.43
N LYS A 284 48.37 -15.26 16.24
CA LYS A 284 48.75 -14.20 17.16
C LYS A 284 48.61 -14.66 18.61
N CYS A 285 48.04 -15.85 18.87
CA CYS A 285 48.01 -16.45 20.20
C CYS A 285 49.30 -17.18 20.57
N ASP A 286 49.53 -17.42 21.88
CA ASP A 286 50.66 -18.18 22.39
C ASP A 286 50.75 -19.60 21.83
N ILE A 287 51.99 -20.10 21.60
CA ILE A 287 52.29 -21.29 20.80
C ILE A 287 51.53 -22.55 21.20
N ASP A 288 51.48 -22.87 22.51
CA ASP A 288 50.85 -24.09 23.01
C ASP A 288 49.34 -24.12 22.73
N ILE A 289 48.65 -22.96 22.78
CA ILE A 289 47.20 -22.93 22.73
C ILE A 289 46.68 -23.15 21.31
N ARG A 290 47.52 -22.86 20.28
CA ARG A 290 47.17 -22.93 18.88
C ARG A 290 46.65 -24.30 18.45
N LYS A 291 47.20 -25.35 19.09
CA LYS A 291 46.82 -26.76 18.99
C LYS A 291 45.34 -27.04 19.18
N ASP A 292 44.66 -26.33 20.10
CA ASP A 292 43.29 -26.62 20.44
C ASP A 292 42.33 -25.56 19.91
N LEU A 293 42.86 -24.46 19.32
CA LEU A 293 42.04 -23.54 18.56
C LEU A 293 41.68 -24.12 17.20
N TYR A 294 42.64 -24.84 16.56
CA TYR A 294 42.35 -25.70 15.43
C TYR A 294 41.43 -26.85 15.82
N ALA A 295 40.31 -26.98 15.07
CA ALA A 295 39.29 -28.01 15.20
C ALA A 295 38.27 -27.68 16.28
N ASN A 296 38.19 -26.39 16.64
CA ASN A 296 37.15 -25.84 17.49
C ASN A 296 36.69 -24.53 16.85
N ASN A 297 36.96 -24.32 15.56
CA ASN A 297 36.41 -23.23 14.76
C ASN A 297 34.89 -23.29 14.72
N VAL A 298 34.19 -22.41 15.46
CA VAL A 298 32.75 -22.44 15.64
C VAL A 298 31.98 -21.32 14.94
N MET A 299 31.15 -21.69 13.95
CA MET A 299 30.38 -20.72 13.19
C MET A 299 29.07 -20.38 13.89
N SER A 300 28.48 -19.23 13.54
CA SER A 300 27.22 -18.78 14.11
C SER A 300 26.63 -17.76 13.15
N GLY A 301 25.49 -17.15 13.51
CA GLY A 301 24.76 -16.18 12.70
C GLY A 301 24.07 -16.75 11.47
N GLY A 302 23.03 -16.04 11.00
CA GLY A 302 22.25 -16.43 9.83
C GLY A 302 22.99 -16.42 8.53
N THR A 303 24.04 -15.58 8.42
CA THR A 303 24.80 -15.43 7.19
C THR A 303 25.69 -16.62 6.86
N THR A 304 25.91 -17.54 7.83
CA THR A 304 26.65 -18.77 7.58
C THR A 304 25.79 -19.96 7.18
N MET A 305 24.52 -19.75 6.77
CA MET A 305 23.64 -20.82 6.34
C MET A 305 23.72 -21.14 4.83
N TYR A 306 24.72 -20.57 4.12
CA TYR A 306 25.01 -20.86 2.73
C TYR A 306 25.42 -22.31 2.40
N PRO A 307 25.08 -22.81 1.21
CA PRO A 307 25.67 -24.05 0.70
C PRO A 307 27.11 -23.81 0.26
N GLY A 308 28.00 -24.81 0.43
CA GLY A 308 29.41 -24.74 0.06
C GLY A 308 30.33 -24.45 1.23
N ILE A 309 29.74 -24.05 2.37
CA ILE A 309 30.45 -23.97 3.64
C ILE A 309 29.85 -25.05 4.52
N ALA A 310 30.67 -25.76 5.32
CA ALA A 310 32.00 -25.39 5.77
C ALA A 310 33.19 -25.97 5.00
N ASP A 311 33.03 -26.74 3.90
CA ASP A 311 34.19 -27.43 3.36
C ASP A 311 35.03 -26.56 2.41
N ARG A 312 34.51 -25.41 1.92
CA ARG A 312 35.36 -24.38 1.35
C ARG A 312 36.27 -23.74 2.40
N MET A 313 35.69 -23.20 3.49
CA MET A 313 36.41 -22.68 4.65
C MET A 313 37.45 -23.64 5.24
N GLN A 314 37.06 -24.93 5.35
CA GLN A 314 37.93 -26.02 5.79
C GLN A 314 39.11 -26.17 4.87
N LYS A 315 38.88 -26.54 3.58
CA LYS A 315 39.93 -26.64 2.58
C LYS A 315 40.86 -25.43 2.45
N GLU A 316 40.35 -24.18 2.61
CA GLU A 316 41.17 -22.98 2.54
C GLU A 316 42.08 -22.87 3.74
N ILE A 317 41.59 -23.17 4.97
CA ILE A 317 42.44 -23.16 6.16
C ILE A 317 43.46 -24.30 6.10
N THR A 318 43.04 -25.54 5.78
CA THR A 318 43.90 -26.72 5.61
C THR A 318 45.00 -26.57 4.57
N ALA A 319 44.79 -25.70 3.56
CA ALA A 319 45.76 -25.40 2.53
C ALA A 319 46.88 -24.47 3.00
N LEU A 320 46.58 -23.58 3.96
CA LEU A 320 47.55 -22.63 4.50
C LEU A 320 48.20 -23.16 5.77
N ALA A 321 47.45 -23.94 6.57
CA ALA A 321 47.87 -24.55 7.81
C ALA A 321 49.09 -25.50 7.72
N PRO A 322 49.91 -25.61 8.78
CA PRO A 322 50.95 -26.61 8.89
C PRO A 322 50.58 -28.07 8.62
N SER A 323 51.58 -28.91 8.30
CA SER A 323 51.43 -30.33 8.00
C SER A 323 50.80 -31.14 9.12
N THR A 324 49.80 -31.97 8.75
CA THR A 324 49.06 -32.92 9.60
C THR A 324 48.42 -32.31 10.82
N MET A 325 48.00 -31.04 10.66
CA MET A 325 47.21 -30.31 11.61
C MET A 325 45.79 -30.38 11.12
N LYS A 326 44.91 -31.05 11.90
CA LYS A 326 43.55 -31.32 11.48
C LYS A 326 42.57 -30.25 11.93
N ILE A 327 41.68 -29.84 11.02
CA ILE A 327 40.70 -28.80 11.25
C ILE A 327 39.34 -29.43 11.05
N LYS A 328 38.46 -29.27 12.04
CA LYS A 328 37.06 -29.63 12.03
C LYS A 328 36.34 -28.32 12.27
N ILE A 329 35.18 -28.09 11.63
CA ILE A 329 34.49 -26.82 11.74
C ILE A 329 33.13 -27.09 12.33
N ILE A 330 32.86 -26.44 13.48
CA ILE A 330 31.72 -26.72 14.30
C ILE A 330 30.58 -25.86 13.79
N ALA A 331 29.57 -26.52 13.20
CA ALA A 331 28.43 -25.86 12.62
C ALA A 331 27.17 -26.30 13.33
N PRO A 332 26.53 -25.46 14.15
CA PRO A 332 25.29 -25.85 14.81
C PRO A 332 24.16 -25.92 13.80
N PRO A 333 23.15 -26.76 13.87
CA PRO A 333 21.87 -26.50 13.21
C PRO A 333 21.29 -25.10 13.42
N GLU A 334 20.69 -24.54 12.36
CA GLU A 334 19.89 -23.32 12.37
C GLU A 334 20.54 -22.13 13.07
N ARG A 335 21.76 -21.78 12.62
CA ARG A 335 22.68 -20.84 13.23
C ARG A 335 22.15 -19.45 13.57
N LYS A 336 21.08 -19.01 12.85
CA LYS A 336 20.36 -17.77 13.07
C LYS A 336 19.79 -17.66 14.49
N TYR A 337 19.54 -18.79 15.17
CA TYR A 337 18.99 -18.77 16.52
C TYR A 337 20.00 -19.23 17.55
N SER A 338 21.27 -19.46 17.14
CA SER A 338 22.38 -19.90 17.99
C SER A 338 22.58 -19.04 19.22
N VAL A 339 22.79 -17.72 19.00
CA VAL A 339 22.93 -16.67 19.99
C VAL A 339 21.85 -16.71 21.06
N TRP A 340 20.57 -16.87 20.65
CA TRP A 340 19.43 -16.90 21.53
C TRP A 340 19.42 -18.15 22.42
N ILE A 341 19.73 -19.34 21.83
CA ILE A 341 19.86 -20.59 22.56
C ILE A 341 21.03 -20.58 23.56
N GLY A 342 22.03 -19.72 23.28
CA GLY A 342 23.12 -19.32 24.16
C GLY A 342 22.61 -18.56 25.35
N GLY A 343 21.91 -17.45 25.08
CA GLY A 343 21.35 -16.52 26.07
C GLY A 343 20.48 -17.21 27.08
N SER A 344 19.66 -18.17 26.62
CA SER A 344 18.82 -19.02 27.46
C SER A 344 19.59 -19.76 28.53
N ILE A 345 20.76 -20.36 28.19
CA ILE A 345 21.64 -21.06 29.12
C ILE A 345 22.19 -20.11 30.18
N LEU A 346 22.54 -18.86 29.80
CA LEU A 346 23.19 -17.91 30.68
C LEU A 346 22.28 -17.40 31.79
N ALA A 347 21.19 -16.69 31.42
CA ALA A 347 20.26 -16.09 32.35
C ALA A 347 19.46 -17.09 33.20
N SER A 348 19.41 -18.37 32.78
CA SER A 348 18.77 -19.40 33.58
C SER A 348 19.67 -19.98 34.65
N LEU A 349 21.01 -20.02 34.41
CA LEU A 349 21.98 -20.59 35.33
C LEU A 349 22.04 -19.98 36.73
N SER A 350 22.21 -20.88 37.71
CA SER A 350 22.70 -20.60 39.04
C SER A 350 24.21 -20.86 39.06
N THR A 351 25.03 -20.17 39.85
CA THR A 351 24.71 -19.19 40.89
C THR A 351 24.84 -17.76 40.41
N PHE A 352 25.13 -17.56 39.11
CA PHE A 352 25.41 -16.29 38.46
C PHE A 352 24.29 -15.23 38.45
N GLN A 353 23.16 -15.50 39.12
CA GLN A 353 22.11 -14.55 39.46
C GLN A 353 22.59 -13.30 40.19
N GLN A 354 23.64 -13.42 41.02
CA GLN A 354 24.21 -12.27 41.69
C GLN A 354 25.36 -11.64 40.92
N MET A 355 25.56 -11.97 39.63
CA MET A 355 26.48 -11.22 38.78
C MET A 355 25.72 -10.39 37.77
N TRP A 356 24.41 -10.24 38.01
CA TRP A 356 23.54 -9.35 37.28
C TRP A 356 23.62 -7.95 37.89
N ILE A 357 23.15 -6.96 37.13
CA ILE A 357 23.02 -5.58 37.57
C ILE A 357 21.59 -5.38 38.04
N THR A 358 21.34 -5.25 39.36
CA THR A 358 20.01 -5.03 39.91
C THR A 358 19.78 -3.56 40.18
N LYS A 359 18.52 -3.10 40.05
CA LYS A 359 18.11 -1.71 40.07
C LYS A 359 18.54 -0.94 41.31
N GLN A 360 18.37 -1.54 42.52
CA GLN A 360 18.80 -0.93 43.77
C GLN A 360 20.30 -0.72 43.87
N GLU A 361 21.12 -1.72 43.47
CA GLU A 361 22.57 -1.63 43.50
C GLU A 361 23.09 -0.60 42.50
N TYR A 362 22.47 -0.60 41.30
CA TYR A 362 22.69 0.34 40.22
C TYR A 362 22.43 1.80 40.58
N ASP A 363 21.40 2.12 41.39
CA ASP A 363 21.11 3.49 41.78
C ASP A 363 22.27 4.19 42.50
N GLU A 364 22.89 3.52 43.50
CA GLU A 364 24.06 4.05 44.18
C GLU A 364 25.33 3.96 43.33
N ALA A 365 25.58 2.78 42.72
CA ALA A 365 26.80 2.48 42.00
C ALA A 365 27.01 3.21 40.68
N GLY A 366 25.94 3.39 39.89
CA GLY A 366 26.04 4.00 38.56
C GLY A 366 26.54 3.03 37.51
N PRO A 367 26.70 3.45 36.26
CA PRO A 367 27.09 2.60 35.14
C PRO A 367 28.50 2.02 35.19
N SER A 368 29.32 2.31 36.22
CA SER A 368 30.62 1.69 36.44
C SER A 368 30.54 0.18 36.65
N ILE A 369 29.37 -0.33 37.12
CA ILE A 369 29.04 -1.75 37.24
C ILE A 369 29.07 -2.54 35.93
N VAL A 370 28.67 -1.92 34.80
CA VAL A 370 28.56 -2.53 33.47
C VAL A 370 29.89 -3.06 32.94
N HIS A 371 30.97 -2.28 33.14
CA HIS A 371 32.30 -2.58 32.65
C HIS A 371 33.28 -2.75 33.84
N THR B 5 -30.74 21.30 7.12
CA THR B 5 -30.15 20.48 8.24
C THR B 5 -28.81 19.90 7.83
N THR B 6 -28.79 18.69 7.25
CA THR B 6 -27.61 17.96 6.80
C THR B 6 -26.81 18.64 5.70
N ALA B 7 -25.50 18.36 5.62
CA ALA B 7 -24.62 18.82 4.55
C ALA B 7 -25.09 18.47 3.13
N LEU B 8 -24.62 19.21 2.11
CA LEU B 8 -25.11 19.05 0.75
C LEU B 8 -23.97 18.63 -0.16
N VAL B 9 -24.11 17.48 -0.84
CA VAL B 9 -23.20 16.99 -1.86
C VAL B 9 -23.68 17.34 -3.26
N CYS B 10 -22.93 18.23 -3.92
CA CYS B 10 -23.16 18.76 -5.24
C CYS B 10 -21.91 18.42 -6.01
N ASP B 11 -22.05 17.56 -7.03
CA ASP B 11 -20.92 17.07 -7.76
C ASP B 11 -20.90 17.77 -9.11
N ASN B 12 -19.79 18.49 -9.36
CA ASN B 12 -19.45 19.17 -10.58
C ASN B 12 -19.01 18.18 -11.64
N GLY B 13 -19.96 17.37 -12.11
CA GLY B 13 -19.80 16.55 -13.29
C GLY B 13 -19.26 17.21 -14.53
N SER B 14 -18.54 16.42 -15.32
CA SER B 14 -18.09 16.77 -16.66
C SER B 14 -19.25 16.87 -17.63
N GLY B 15 -20.22 15.96 -17.42
CA GLY B 15 -21.40 15.78 -18.26
C GLY B 15 -22.45 16.85 -18.17
N LEU B 16 -23.57 16.75 -17.42
CA LEU B 16 -24.08 15.84 -16.37
C LEU B 16 -23.64 16.25 -14.99
N VAL B 17 -24.01 17.48 -14.55
CA VAL B 17 -23.86 17.89 -13.15
C VAL B 17 -24.89 17.18 -12.26
N LYS B 18 -24.45 16.69 -11.08
CA LYS B 18 -25.26 15.86 -10.20
C LYS B 18 -25.44 16.54 -8.83
N ALA B 19 -26.66 16.60 -8.25
CA ALA B 19 -26.90 17.24 -6.96
C ALA B 19 -27.89 16.54 -6.03
N GLY B 20 -27.56 16.44 -4.71
CA GLY B 20 -28.48 15.86 -3.72
C GLY B 20 -27.93 15.97 -2.33
N PHE B 21 -28.76 16.15 -1.28
CA PHE B 21 -28.26 16.32 0.09
C PHE B 21 -27.57 15.04 0.61
N ALA B 22 -26.87 15.09 1.75
CA ALA B 22 -26.12 13.95 2.27
C ALA B 22 -26.93 12.67 2.51
N GLY B 23 -26.69 11.65 1.65
CA GLY B 23 -27.37 10.38 1.64
C GLY B 23 -28.84 10.36 1.26
N ASP B 24 -29.48 9.18 1.21
CA ASP B 24 -28.95 7.87 1.57
C ASP B 24 -29.08 6.89 0.39
N ASP B 25 -29.57 7.36 -0.76
CA ASP B 25 -29.97 6.55 -1.89
C ASP B 25 -29.38 7.00 -3.25
N ALA B 26 -29.94 8.06 -3.89
CA ALA B 26 -29.57 8.47 -5.23
C ALA B 26 -29.71 9.98 -5.37
N PRO B 27 -28.96 10.68 -6.25
CA PRO B 27 -29.07 12.13 -6.49
C PRO B 27 -30.48 12.65 -6.69
N ARG B 28 -30.79 13.88 -6.24
CA ARG B 28 -32.10 14.47 -6.41
C ARG B 28 -32.28 15.12 -7.78
N ALA B 29 -31.24 15.82 -8.30
CA ALA B 29 -31.33 16.52 -9.57
C ALA B 29 -30.11 16.26 -10.44
N VAL B 30 -30.31 15.87 -11.71
CA VAL B 30 -29.26 15.59 -12.69
C VAL B 30 -29.62 16.25 -14.01
N PHE B 31 -28.69 16.95 -14.70
CA PHE B 31 -29.02 17.45 -16.03
C PHE B 31 -27.75 17.67 -16.85
N PRO B 32 -27.78 17.65 -18.19
CA PRO B 32 -26.54 17.56 -18.97
C PRO B 32 -25.91 18.92 -19.25
N SER B 33 -25.86 19.80 -18.24
CA SER B 33 -25.13 21.07 -18.14
C SER B 33 -25.46 22.18 -19.12
N ILE B 34 -25.99 21.87 -20.30
CA ILE B 34 -26.41 22.78 -21.37
C ILE B 34 -27.13 24.06 -20.97
N VAL B 35 -26.63 25.20 -21.47
CA VAL B 35 -27.32 26.47 -21.53
C VAL B 35 -27.54 26.79 -22.99
N GLY B 36 -28.71 27.33 -23.39
CA GLY B 36 -29.01 27.60 -24.80
C GLY B 36 -29.79 28.87 -24.98
N ARG B 37 -29.26 29.82 -25.78
CA ARG B 37 -29.96 31.05 -26.09
C ARG B 37 -30.93 30.80 -27.26
N PRO B 38 -32.04 31.54 -27.40
CA PRO B 38 -33.01 31.33 -28.47
C PRO B 38 -32.58 31.97 -29.77
N ARG B 39 -32.34 31.17 -30.83
CA ARG B 39 -31.76 31.63 -32.07
C ARG B 39 -32.74 32.09 -33.15
N HIS B 40 -34.04 32.21 -32.85
CA HIS B 40 -35.03 32.64 -33.84
C HIS B 40 -35.86 33.80 -33.32
N GLN B 41 -36.28 34.70 -34.23
CA GLN B 41 -37.08 35.88 -33.92
C GLN B 41 -38.46 35.62 -33.32
N GLY B 42 -38.85 36.43 -32.31
CA GLY B 42 -40.11 36.23 -31.58
C GLY B 42 -41.31 36.91 -32.18
N VAL B 43 -42.49 36.28 -32.04
CA VAL B 43 -43.76 36.81 -32.53
C VAL B 43 -44.85 36.60 -31.47
N MET B 44 -44.44 36.32 -30.22
CA MET B 44 -45.35 36.14 -29.10
C MET B 44 -45.47 37.41 -28.26
N VAL B 45 -44.66 38.44 -28.59
CA VAL B 45 -44.76 39.86 -28.28
C VAL B 45 -44.66 40.29 -26.82
N GLY B 46 -44.89 39.38 -25.85
CA GLY B 46 -44.56 39.57 -24.44
C GLY B 46 -43.14 40.00 -24.10
N MET B 47 -42.08 39.23 -24.41
CA MET B 47 -42.04 37.91 -25.02
C MET B 47 -42.42 36.83 -24.00
N GLY B 48 -41.94 36.97 -22.74
CA GLY B 48 -42.41 36.18 -21.61
C GLY B 48 -41.67 34.88 -21.41
N GLN B 49 -40.48 34.76 -22.00
CA GLN B 49 -39.71 33.54 -22.00
C GLN B 49 -38.34 33.80 -21.40
N LYS B 50 -37.66 32.74 -20.91
CA LYS B 50 -36.33 32.82 -20.33
C LYS B 50 -35.30 33.46 -21.28
N ASP B 51 -34.30 34.18 -20.72
CA ASP B 51 -33.23 34.82 -21.47
C ASP B 51 -32.33 33.81 -22.18
N SER B 52 -31.97 32.75 -21.47
CA SER B 52 -31.32 31.56 -22.00
C SER B 52 -31.89 30.42 -21.20
N TYR B 53 -32.25 29.31 -21.88
CA TYR B 53 -32.92 28.18 -21.25
C TYR B 53 -31.88 27.23 -20.67
N VAL B 54 -32.00 26.82 -19.39
CA VAL B 54 -31.19 25.73 -18.88
C VAL B 54 -31.88 24.39 -19.09
N GLY B 55 -31.20 23.25 -18.82
CA GLY B 55 -31.87 21.95 -18.73
C GLY B 55 -32.73 21.83 -17.48
N ASP B 56 -33.84 21.08 -17.49
CA ASP B 56 -34.43 20.23 -18.50
C ASP B 56 -35.01 20.97 -19.71
N GLU B 57 -35.51 22.21 -19.58
CA GLU B 57 -36.16 22.93 -20.68
C GLU B 57 -35.32 23.09 -21.97
N ALA B 58 -33.98 23.13 -21.87
CA ALA B 58 -33.08 23.11 -23.01
C ALA B 58 -32.86 21.73 -23.64
N GLN B 59 -33.48 20.67 -23.10
CA GLN B 59 -33.48 19.33 -23.67
C GLN B 59 -34.92 19.01 -24.09
N SER B 60 -35.87 19.90 -23.75
CA SER B 60 -37.27 19.77 -24.12
C SER B 60 -37.60 20.62 -25.33
N LYS B 61 -36.69 21.54 -25.72
CA LYS B 61 -36.91 22.48 -26.80
C LYS B 61 -35.72 22.54 -27.76
N ARG B 62 -35.19 21.38 -28.20
CA ARG B 62 -34.18 21.36 -29.24
C ARG B 62 -34.71 21.85 -30.60
N GLY B 63 -33.83 22.45 -31.42
CA GLY B 63 -34.16 22.95 -32.75
C GLY B 63 -34.61 24.40 -32.78
N ILE B 64 -34.78 25.05 -31.61
CA ILE B 64 -35.13 26.46 -31.52
C ILE B 64 -34.09 27.24 -30.70
N LEU B 65 -33.02 26.54 -30.27
CA LEU B 65 -31.98 27.08 -29.41
C LEU B 65 -30.63 26.74 -30.01
N THR B 66 -29.54 27.28 -29.42
CA THR B 66 -28.17 26.89 -29.73
C THR B 66 -27.52 26.37 -28.45
N LEU B 67 -27.51 25.04 -28.24
CA LEU B 67 -26.93 24.43 -27.05
C LEU B 67 -25.44 24.64 -26.87
N LYS B 68 -25.02 25.10 -25.67
CA LYS B 68 -23.63 25.35 -25.33
C LYS B 68 -23.27 24.68 -24.01
N TYR B 69 -22.44 23.60 -24.06
CA TYR B 69 -21.93 22.95 -22.86
C TYR B 69 -21.00 23.90 -22.10
N PRO B 70 -21.20 24.28 -20.84
CA PRO B 70 -20.38 25.30 -20.20
C PRO B 70 -19.05 24.77 -19.70
N ILE B 71 -18.80 23.45 -19.72
CA ILE B 71 -17.51 22.88 -19.34
C ILE B 71 -16.92 22.07 -20.46
N GLU B 72 -15.71 22.47 -20.93
CA GLU B 72 -15.08 21.90 -22.10
C GLU B 72 -13.60 21.87 -21.80
N HIS B 73 -12.92 20.75 -22.12
CA HIS B 73 -11.56 20.46 -21.71
C HIS B 73 -11.36 20.48 -20.20
N GLY B 74 -12.46 20.26 -19.45
CA GLY B 74 -12.44 20.17 -17.99
C GLY B 74 -12.40 21.51 -17.31
N ILE B 75 -12.46 22.62 -18.07
CA ILE B 75 -12.47 23.96 -17.54
C ILE B 75 -13.72 24.67 -18.01
N ILE B 76 -14.37 25.43 -17.11
CA ILE B 76 -15.58 26.15 -17.42
C ILE B 76 -15.39 27.38 -18.29
N THR B 77 -16.39 27.66 -19.15
CA THR B 77 -16.35 28.78 -20.10
C THR B 77 -16.33 30.14 -19.43
N ASN B 78 -17.20 30.37 -18.44
CA ASN B 78 -17.25 31.60 -17.68
C ASN B 78 -18.08 31.36 -16.44
N TRP B 79 -17.85 32.11 -15.35
CA TRP B 79 -18.64 31.92 -14.15
C TRP B 79 -19.98 32.64 -14.23
N ASP B 80 -20.21 33.43 -15.31
CA ASP B 80 -21.49 34.02 -15.62
C ASP B 80 -22.58 32.98 -15.98
N ASP B 81 -22.22 31.92 -16.74
CA ASP B 81 -23.13 30.82 -17.05
C ASP B 81 -23.08 29.81 -15.91
N MET B 82 -21.89 29.53 -15.32
CA MET B 82 -21.75 28.62 -14.19
C MET B 82 -22.57 29.00 -12.96
N GLU B 83 -22.56 30.27 -12.54
CA GLU B 83 -23.38 30.76 -11.45
C GLU B 83 -24.87 30.55 -11.72
N LYS B 84 -25.29 30.65 -13.01
CA LYS B 84 -26.66 30.42 -13.43
C LYS B 84 -27.05 28.94 -13.34
N ILE B 85 -26.13 27.99 -13.68
CA ILE B 85 -26.26 26.56 -13.38
C ILE B 85 -26.56 26.30 -11.91
N TRP B 86 -25.70 26.85 -11.03
CA TRP B 86 -25.79 26.76 -9.58
C TRP B 86 -27.11 27.33 -9.05
N HIS B 87 -27.41 28.59 -9.39
CA HIS B 87 -28.59 29.31 -8.99
C HIS B 87 -29.87 28.57 -9.33
N HIS B 88 -30.01 28.07 -10.57
CA HIS B 88 -31.13 27.21 -10.94
C HIS B 88 -31.25 25.91 -10.17
N THR B 89 -30.15 25.16 -9.96
CA THR B 89 -30.18 23.92 -9.19
C THR B 89 -30.60 24.15 -7.76
N PHE B 90 -29.91 25.06 -7.03
CA PHE B 90 -30.25 25.32 -5.66
C PHE B 90 -31.66 25.89 -5.49
N TYR B 91 -32.04 26.89 -6.29
CA TYR B 91 -33.32 27.55 -6.12
C TYR B 91 -34.55 26.86 -6.70
N ASN B 92 -34.55 26.44 -7.99
CA ASN B 92 -35.78 25.95 -8.61
C ASN B 92 -35.86 24.45 -8.76
N GLU B 93 -34.90 23.70 -8.21
CA GLU B 93 -34.88 22.25 -8.21
C GLU B 93 -34.87 21.83 -6.76
N LEU B 94 -33.70 21.89 -6.09
CA LEU B 94 -33.49 21.47 -4.70
C LEU B 94 -34.34 22.25 -3.70
N ARG B 95 -34.57 23.56 -3.96
CA ARG B 95 -35.35 24.51 -3.18
C ARG B 95 -34.64 24.87 -1.88
N VAL B 96 -33.34 25.25 -1.98
CA VAL B 96 -32.50 25.47 -0.83
C VAL B 96 -31.59 26.69 -0.99
N ALA B 97 -31.10 27.26 0.12
CA ALA B 97 -30.08 28.29 0.13
C ALA B 97 -28.84 27.72 0.84
N PRO B 98 -27.61 27.84 0.31
CA PRO B 98 -26.42 27.35 0.99
C PRO B 98 -26.05 28.02 2.31
N GLU B 99 -26.73 29.10 2.71
CA GLU B 99 -26.44 29.82 3.94
C GLU B 99 -26.69 29.00 5.20
N GLU B 100 -27.69 28.10 5.15
CA GLU B 100 -28.08 27.20 6.21
C GLU B 100 -27.11 26.06 6.54
N HIS B 101 -26.45 25.44 5.54
CA HIS B 101 -25.67 24.21 5.72
C HIS B 101 -24.34 24.30 4.97
N PRO B 102 -23.19 23.92 5.52
CA PRO B 102 -21.99 23.53 4.76
C PRO B 102 -22.17 22.64 3.54
N THR B 103 -21.47 22.97 2.44
CA THR B 103 -21.56 22.23 1.18
C THR B 103 -20.30 21.43 0.92
N LEU B 104 -20.34 20.52 -0.06
CA LEU B 104 -19.23 19.70 -0.52
C LEU B 104 -19.24 19.83 -2.03
N LEU B 105 -18.17 20.36 -2.65
CA LEU B 105 -18.11 20.60 -4.07
C LEU B 105 -17.03 19.71 -4.64
N THR B 106 -17.06 19.37 -5.93
CA THR B 106 -16.04 18.53 -6.56
C THR B 106 -15.26 19.21 -7.67
N GLU B 107 -14.06 18.68 -7.99
CA GLU B 107 -13.26 19.20 -9.10
C GLU B 107 -12.54 18.07 -9.84
N ALA B 108 -11.68 18.36 -10.83
CA ALA B 108 -10.90 17.36 -11.54
C ALA B 108 -9.54 17.04 -10.90
N PRO B 109 -8.95 15.85 -11.06
CA PRO B 109 -7.64 15.51 -10.50
C PRO B 109 -6.47 16.37 -10.98
N LEU B 110 -6.47 16.81 -12.25
CA LEU B 110 -5.41 17.62 -12.80
C LEU B 110 -6.02 18.67 -13.71
N ASN B 111 -5.84 19.96 -13.37
CA ASN B 111 -6.43 21.04 -14.13
C ASN B 111 -5.53 22.26 -13.94
N PRO B 112 -5.74 23.38 -14.64
CA PRO B 112 -4.90 24.56 -14.46
C PRO B 112 -5.22 25.31 -13.19
N LYS B 113 -4.20 25.90 -12.53
CA LYS B 113 -4.37 26.78 -11.40
C LYS B 113 -4.68 28.15 -11.99
N ALA B 114 -5.59 28.98 -11.47
CA ALA B 114 -6.19 29.05 -10.15
C ALA B 114 -7.71 28.91 -10.23
N ASN B 115 -8.18 28.02 -11.12
CA ASN B 115 -9.60 27.72 -11.31
C ASN B 115 -10.34 27.01 -10.19
N ARG B 116 -9.66 26.46 -9.16
CA ARG B 116 -10.35 25.90 -8.01
C ARG B 116 -10.50 26.96 -6.94
N GLU B 117 -9.48 27.86 -6.85
CA GLU B 117 -9.46 29.07 -6.06
C GLU B 117 -10.61 29.96 -6.49
N LYS B 118 -10.56 30.54 -7.71
CA LYS B 118 -11.63 31.34 -8.31
C LYS B 118 -13.06 30.81 -8.16
N MET B 119 -13.27 29.48 -8.29
CA MET B 119 -14.52 28.78 -8.01
C MET B 119 -14.93 28.95 -6.55
N THR B 120 -14.08 28.45 -5.63
CA THR B 120 -14.22 28.52 -4.17
C THR B 120 -14.51 29.94 -3.69
N GLN B 121 -13.81 30.93 -4.29
CA GLN B 121 -13.87 32.33 -3.94
C GLN B 121 -15.19 32.96 -4.39
N ILE B 122 -15.57 32.78 -5.67
CA ILE B 122 -16.85 33.23 -6.19
C ILE B 122 -18.04 32.62 -5.46
N MET B 123 -18.04 31.29 -5.20
CA MET B 123 -19.14 30.63 -4.50
C MET B 123 -19.33 31.08 -3.04
N PHE B 124 -18.25 31.53 -2.37
CA PHE B 124 -18.29 32.07 -1.02
C PHE B 124 -18.87 33.48 -1.01
N GLU B 125 -18.56 34.30 -2.02
CA GLU B 125 -19.06 35.67 -2.04
C GLU B 125 -20.46 35.76 -2.61
N THR B 126 -20.83 34.88 -3.56
CA THR B 126 -22.17 34.89 -4.15
C THR B 126 -23.22 34.18 -3.31
N PHE B 127 -22.97 32.92 -2.89
CA PHE B 127 -24.02 32.13 -2.25
C PHE B 127 -23.88 32.07 -0.75
N ASN B 128 -22.71 32.47 -0.20
CA ASN B 128 -22.48 32.75 1.21
C ASN B 128 -22.72 31.52 2.10
N VAL B 129 -22.24 30.36 1.64
CA VAL B 129 -22.15 29.13 2.40
C VAL B 129 -21.25 29.27 3.64
N PRO B 130 -21.46 28.61 4.79
CA PRO B 130 -20.68 28.94 5.99
C PRO B 130 -19.40 28.13 6.01
N ALA B 131 -19.34 27.01 5.27
CA ALA B 131 -18.13 26.25 5.12
C ALA B 131 -18.21 25.42 3.85
N MET B 132 -17.04 25.04 3.29
CA MET B 132 -16.95 24.40 2.00
C MET B 132 -15.76 23.46 1.97
N TYR B 133 -15.74 22.46 1.08
CA TYR B 133 -14.57 21.66 0.81
C TYR B 133 -14.68 21.30 -0.66
N VAL B 134 -13.54 21.12 -1.37
CA VAL B 134 -13.56 20.74 -2.77
C VAL B 134 -12.78 19.44 -2.94
N ALA B 135 -13.48 18.34 -3.29
CA ALA B 135 -12.87 17.04 -3.50
C ALA B 135 -12.74 16.63 -4.96
N ILE B 136 -11.65 15.96 -5.37
CA ILE B 136 -11.55 15.43 -6.72
C ILE B 136 -12.47 14.21 -6.91
N GLN B 137 -13.13 14.05 -8.10
CA GLN B 137 -14.16 13.04 -8.30
C GLN B 137 -13.65 11.61 -8.14
N ALA B 138 -12.36 11.39 -8.42
CA ALA B 138 -11.75 10.08 -8.33
C ALA B 138 -11.65 9.56 -6.89
N VAL B 139 -11.13 10.37 -5.94
CA VAL B 139 -11.02 9.99 -4.53
C VAL B 139 -12.35 9.58 -3.92
N LEU B 140 -13.45 10.29 -4.24
CA LEU B 140 -14.77 9.94 -3.76
C LEU B 140 -15.27 8.59 -4.25
N SER B 141 -14.83 8.16 -5.45
CA SER B 141 -15.21 6.88 -6.01
C SER B 141 -14.59 5.69 -5.30
N LEU B 142 -13.56 5.90 -4.43
CA LEU B 142 -12.97 4.87 -3.61
C LEU B 142 -13.94 4.41 -2.54
N TYR B 143 -14.59 5.40 -1.87
CA TYR B 143 -15.55 5.16 -0.82
C TYR B 143 -16.75 4.39 -1.32
N ALA B 144 -17.26 4.80 -2.50
CA ALA B 144 -18.32 4.16 -3.25
C ALA B 144 -18.00 2.74 -3.70
N SER B 145 -16.73 2.47 -4.05
CA SER B 145 -16.27 1.16 -4.47
C SER B 145 -16.05 0.18 -3.33
N GLY B 146 -15.98 0.65 -2.07
CA GLY B 146 -15.77 -0.22 -0.91
C GLY B 146 -14.34 -0.66 -0.72
N ARG B 147 -13.43 -0.13 -1.55
CA ARG B 147 -12.01 -0.40 -1.53
C ARG B 147 -11.20 0.70 -0.87
N THR B 148 -9.92 0.39 -0.54
CA THR B 148 -8.97 1.33 0.05
C THR B 148 -7.72 1.43 -0.83
N THR B 149 -7.73 0.77 -2.00
CA THR B 149 -6.61 0.65 -2.93
C THR B 149 -7.22 0.62 -4.32
N GLY B 150 -6.45 0.96 -5.37
CA GLY B 150 -6.88 0.82 -6.75
C GLY B 150 -6.69 2.04 -7.58
N ILE B 151 -6.70 1.82 -8.91
CA ILE B 151 -6.63 2.87 -9.90
C ILE B 151 -8.04 3.26 -10.30
N VAL B 152 -8.35 4.55 -10.14
CA VAL B 152 -9.67 5.10 -10.35
C VAL B 152 -9.76 5.77 -11.70
N LEU B 153 -10.74 5.31 -12.50
CA LEU B 153 -11.10 5.79 -13.81
C LEU B 153 -12.35 6.65 -13.85
N ASP B 154 -12.26 7.99 -13.82
CA ASP B 154 -13.45 8.84 -13.87
C ASP B 154 -13.44 9.35 -15.28
N SER B 155 -14.40 8.84 -16.08
CA SER B 155 -14.47 9.08 -17.49
C SER B 155 -15.80 9.70 -17.82
N GLY B 156 -15.80 11.00 -18.18
CA GLY B 156 -16.97 11.72 -18.65
C GLY B 156 -16.70 12.51 -19.89
N ASP B 157 -17.76 12.91 -20.62
CA ASP B 157 -17.68 13.92 -21.65
C ASP B 157 -17.19 15.27 -21.07
N GLY B 158 -16.02 15.87 -21.41
CA GLY B 158 -14.91 15.46 -22.28
C GLY B 158 -13.54 15.31 -21.69
N VAL B 159 -13.42 14.90 -20.40
CA VAL B 159 -12.12 14.62 -19.80
C VAL B 159 -12.22 13.34 -18.98
N THR B 160 -11.39 12.33 -19.31
CA THR B 160 -11.20 11.14 -18.49
C THR B 160 -9.96 11.27 -17.61
N HIS B 161 -9.84 10.48 -16.54
CA HIS B 161 -8.65 10.50 -15.69
C HIS B 161 -8.33 9.14 -15.11
N ASN B 162 -7.03 8.92 -14.76
CA ASN B 162 -6.49 7.69 -14.19
C ASN B 162 -5.67 7.95 -12.93
N VAL B 163 -6.27 7.86 -11.72
CA VAL B 163 -5.56 8.16 -10.49
C VAL B 163 -5.27 6.88 -9.67
N PRO B 164 -4.03 6.46 -9.43
CA PRO B 164 -3.71 5.31 -8.58
C PRO B 164 -3.57 5.65 -7.10
N ILE B 165 -4.27 4.89 -6.23
CA ILE B 165 -4.23 5.03 -4.77
C ILE B 165 -3.88 3.68 -4.17
N TYR B 166 -2.92 3.65 -3.22
CA TYR B 166 -2.53 2.44 -2.51
C TYR B 166 -2.65 2.62 -1.00
N GLU B 167 -3.57 1.86 -0.36
CA GLU B 167 -3.87 1.75 1.06
C GLU B 167 -3.34 2.81 2.05
N GLY B 168 -3.83 4.05 2.08
CA GLY B 168 -4.79 4.72 1.22
C GLY B 168 -4.17 6.02 0.79
N TYR B 169 -2.89 5.92 0.39
CA TYR B 169 -2.02 6.99 -0.02
C TYR B 169 -2.09 7.18 -1.52
N ALA B 170 -1.86 8.42 -1.98
CA ALA B 170 -1.85 8.74 -3.39
C ALA B 170 -0.45 8.53 -3.95
N LEU B 171 -0.34 8.07 -5.21
CA LEU B 171 0.95 7.85 -5.85
C LEU B 171 1.14 8.98 -6.87
N PRO B 172 1.65 10.16 -6.48
CA PRO B 172 1.63 11.37 -7.31
C PRO B 172 2.24 11.25 -8.69
N HIS B 173 3.35 10.52 -8.86
CA HIS B 173 4.09 10.52 -10.11
C HIS B 173 3.40 9.70 -11.19
N ALA B 174 2.42 8.86 -10.80
CA ALA B 174 1.73 7.98 -11.70
C ALA B 174 0.35 8.47 -12.14
N ILE B 175 -0.11 9.67 -11.75
CA ILE B 175 -1.44 10.15 -12.16
C ILE B 175 -1.47 10.57 -13.63
N MET B 176 -2.41 10.02 -14.42
CA MET B 176 -2.54 10.32 -15.84
C MET B 176 -3.84 11.01 -16.26
N ARG B 177 -3.76 12.13 -17.00
CA ARG B 177 -4.93 12.85 -17.51
C ARG B 177 -5.02 12.66 -19.01
N LEU B 178 -6.10 12.05 -19.50
CA LEU B 178 -6.39 11.91 -20.92
C LEU B 178 -7.52 12.86 -21.30
N ASP B 179 -7.36 13.68 -22.35
CA ASP B 179 -8.46 14.47 -22.89
C ASP B 179 -9.16 13.73 -24.03
N LEU B 180 -8.82 12.44 -24.21
CA LEU B 180 -9.28 11.49 -25.20
C LEU B 180 -10.79 11.19 -25.22
N ALA B 181 -11.44 11.08 -24.05
CA ALA B 181 -12.85 10.76 -23.97
C ALA B 181 -13.51 11.73 -23.02
N GLY B 182 -14.81 12.07 -23.18
CA GLY B 182 -15.83 11.48 -24.05
C GLY B 182 -16.47 12.36 -25.11
N ARG B 183 -16.31 13.71 -25.08
CA ARG B 183 -16.87 14.59 -26.11
C ARG B 183 -16.28 14.35 -27.49
N ASP B 184 -15.05 13.81 -27.55
CA ASP B 184 -14.37 13.40 -28.77
C ASP B 184 -14.91 12.08 -29.33
N LEU B 185 -15.48 11.22 -28.48
CA LEU B 185 -16.19 10.02 -28.90
C LEU B 185 -17.52 10.42 -29.51
N THR B 186 -18.19 11.43 -28.90
CA THR B 186 -19.39 12.07 -29.44
C THR B 186 -19.11 12.69 -30.82
N ASP B 187 -18.05 13.52 -30.93
CA ASP B 187 -17.65 14.17 -32.17
C ASP B 187 -17.26 13.17 -33.28
N TYR B 188 -16.58 12.06 -32.94
CA TYR B 188 -16.25 10.99 -33.86
C TYR B 188 -17.49 10.24 -34.34
N LEU B 189 -18.44 9.96 -33.42
CA LEU B 189 -19.73 9.38 -33.76
C LEU B 189 -20.51 10.25 -34.72
N MET B 190 -20.47 11.58 -34.58
CA MET B 190 -21.12 12.47 -35.52
C MET B 190 -20.49 12.44 -36.93
N LYS B 191 -19.18 12.19 -37.05
CA LYS B 191 -18.55 12.08 -38.35
C LYS B 191 -18.79 10.76 -39.04
N ILE B 192 -19.02 9.66 -38.30
CA ILE B 192 -19.33 8.39 -38.94
C ILE B 192 -20.82 8.11 -38.93
N LEU B 193 -21.64 9.01 -38.32
CA LEU B 193 -23.07 9.03 -38.54
C LEU B 193 -23.43 9.90 -39.74
N THR B 194 -22.53 10.83 -40.13
CA THR B 194 -22.61 11.58 -41.38
C THR B 194 -22.49 10.67 -42.59
N GLU B 195 -21.78 9.52 -42.42
CA GLU B 195 -21.64 8.45 -43.41
C GLU B 195 -22.97 7.79 -43.77
N ARG B 196 -24.00 7.90 -42.93
CA ARG B 196 -25.31 7.36 -43.17
C ARG B 196 -26.31 8.46 -43.49
N GLY B 197 -25.85 9.61 -43.99
CA GLY B 197 -26.70 10.53 -44.75
C GLY B 197 -27.68 11.36 -43.98
N TYR B 198 -27.27 11.87 -42.81
CA TYR B 198 -28.09 12.71 -41.98
C TYR B 198 -27.19 13.81 -41.43
N SER B 199 -27.74 15.01 -41.24
CA SER B 199 -26.98 16.20 -40.89
C SER B 199 -27.07 16.57 -39.42
N PHE B 200 -25.93 16.51 -38.70
CA PHE B 200 -25.87 16.70 -37.26
C PHE B 200 -24.84 17.76 -36.85
N VAL B 201 -24.36 18.61 -37.79
CA VAL B 201 -23.27 19.55 -37.54
C VAL B 201 -23.65 20.74 -36.66
N THR B 202 -24.95 20.91 -36.39
CA THR B 202 -25.51 22.02 -35.66
C THR B 202 -25.44 21.73 -34.17
N THR B 203 -25.21 22.76 -33.33
CA THR B 203 -24.98 22.61 -31.90
C THR B 203 -26.05 21.92 -31.09
N ALA B 204 -27.34 22.34 -31.17
CA ALA B 204 -28.42 21.69 -30.43
C ALA B 204 -28.60 20.20 -30.70
N GLU B 205 -28.62 19.86 -32.01
CA GLU B 205 -28.84 18.54 -32.55
C GLU B 205 -27.76 17.54 -32.15
N ARG B 206 -26.57 18.03 -31.76
CA ARG B 206 -25.44 17.25 -31.27
C ARG B 206 -25.83 16.40 -30.06
N GLU B 207 -26.78 16.87 -29.22
CA GLU B 207 -27.31 16.10 -28.11
C GLU B 207 -27.91 14.76 -28.53
N ILE B 208 -28.63 14.71 -29.67
CA ILE B 208 -29.22 13.49 -30.22
C ILE B 208 -28.16 12.43 -30.52
N VAL B 209 -27.00 12.86 -31.07
CA VAL B 209 -25.81 12.04 -31.30
C VAL B 209 -25.30 11.42 -30.00
N ARG B 210 -25.21 12.22 -28.93
CA ARG B 210 -24.83 11.79 -27.60
C ARG B 210 -25.72 10.68 -27.05
N ASP B 211 -27.04 10.74 -27.32
CA ASP B 211 -28.02 9.73 -26.93
C ASP B 211 -27.80 8.41 -27.68
N ILE B 212 -27.39 8.47 -28.98
CA ILE B 212 -27.04 7.28 -29.74
C ILE B 212 -25.70 6.67 -29.27
N LYS B 213 -24.84 7.47 -28.59
CA LYS B 213 -23.65 6.96 -27.93
C LYS B 213 -23.96 6.13 -26.69
N GLU B 214 -25.00 6.52 -25.93
CA GLU B 214 -25.51 5.81 -24.77
C GLU B 214 -26.03 4.43 -25.13
N LYS B 215 -27.17 4.40 -25.84
CA LYS B 215 -27.97 3.22 -26.10
C LYS B 215 -27.43 2.28 -27.16
N LEU B 216 -27.08 2.80 -28.35
CA LEU B 216 -26.81 1.98 -29.51
C LEU B 216 -25.42 1.38 -29.58
N CYS B 217 -24.35 2.12 -29.25
CA CYS B 217 -22.98 1.60 -29.32
C CYS B 217 -22.68 0.40 -28.43
N TYR B 218 -21.79 -0.51 -28.90
CA TYR B 218 -21.37 -1.65 -28.11
C TYR B 218 -19.91 -1.91 -28.40
N VAL B 219 -19.15 -2.46 -27.43
CA VAL B 219 -17.73 -2.70 -27.64
C VAL B 219 -17.46 -4.14 -28.08
N ALA B 220 -16.78 -4.30 -29.25
CA ALA B 220 -16.36 -5.58 -29.77
C ALA B 220 -15.33 -6.29 -28.87
N LEU B 221 -15.35 -7.63 -28.81
CA LEU B 221 -14.37 -8.43 -28.08
C LEU B 221 -13.00 -8.39 -28.77
N ASP B 222 -12.99 -8.55 -30.11
CA ASP B 222 -11.79 -8.42 -30.89
C ASP B 222 -12.16 -7.76 -32.21
N PHE B 223 -11.54 -6.61 -32.53
CA PHE B 223 -11.86 -5.77 -33.68
C PHE B 223 -11.85 -6.53 -35.01
N GLU B 224 -10.69 -7.11 -35.37
CA GLU B 224 -10.46 -7.87 -36.60
C GLU B 224 -11.48 -8.97 -36.85
N ASN B 225 -11.91 -9.67 -35.78
CA ASN B 225 -12.88 -10.74 -35.90
C ASN B 225 -14.33 -10.26 -35.94
N GLU B 226 -14.66 -9.12 -35.29
CA GLU B 226 -15.99 -8.54 -35.45
C GLU B 226 -16.18 -7.94 -36.85
N MET B 227 -15.08 -7.43 -37.44
CA MET B 227 -15.01 -6.97 -38.83
C MET B 227 -15.19 -8.11 -39.82
N ALA B 228 -14.66 -9.30 -39.50
CA ALA B 228 -14.89 -10.53 -40.24
C ALA B 228 -16.38 -10.91 -40.30
N THR B 229 -17.05 -10.96 -39.14
CA THR B 229 -18.47 -11.35 -39.06
C THR B 229 -19.42 -10.27 -39.60
N ALA B 230 -18.98 -8.99 -39.67
CA ALA B 230 -19.68 -7.92 -40.36
C ALA B 230 -19.83 -8.11 -41.86
N ALA B 231 -18.82 -8.72 -42.50
CA ALA B 231 -18.79 -9.03 -43.92
C ALA B 231 -19.80 -10.10 -44.35
N SER B 232 -20.22 -10.96 -43.40
CA SER B 232 -21.26 -11.98 -43.57
C SER B 232 -22.61 -11.42 -44.01
N SER B 233 -23.43 -12.25 -44.68
CA SER B 233 -24.72 -11.84 -45.25
C SER B 233 -25.77 -11.75 -44.16
N SER B 234 -25.50 -12.36 -42.99
CA SER B 234 -26.33 -12.25 -41.80
C SER B 234 -26.18 -10.87 -41.16
N SER B 235 -27.30 -10.14 -40.96
CA SER B 235 -27.27 -8.72 -40.60
C SER B 235 -26.60 -8.40 -39.29
N LEU B 236 -25.79 -7.31 -39.26
CA LEU B 236 -25.26 -6.73 -38.05
C LEU B 236 -25.79 -5.30 -37.87
N GLU B 237 -26.80 -4.91 -38.67
CA GLU B 237 -27.38 -3.58 -38.63
C GLU B 237 -28.53 -3.48 -37.62
N LYS B 238 -28.55 -2.36 -36.86
CA LYS B 238 -29.60 -2.00 -35.92
C LYS B 238 -30.30 -0.73 -36.38
N SER B 239 -31.65 -0.71 -36.29
CA SER B 239 -32.44 0.42 -36.75
C SER B 239 -32.78 1.37 -35.63
N TYR B 240 -32.24 2.60 -35.71
CA TYR B 240 -32.51 3.67 -34.77
C TYR B 240 -33.62 4.54 -35.34
N GLU B 241 -34.42 5.18 -34.48
CA GLU B 241 -35.45 6.11 -34.89
C GLU B 241 -35.09 7.51 -34.46
N LEU B 242 -35.33 8.48 -35.35
CA LEU B 242 -34.90 9.86 -35.20
C LEU B 242 -36.11 10.68 -34.70
N PRO B 243 -36.00 11.84 -34.05
CA PRO B 243 -37.14 12.50 -33.42
C PRO B 243 -38.36 12.80 -34.29
N ASP B 244 -38.22 13.13 -35.59
CA ASP B 244 -39.37 13.28 -36.47
C ASP B 244 -39.77 12.04 -37.26
N GLY B 245 -39.28 10.85 -36.85
CA GLY B 245 -39.77 9.57 -37.37
C GLY B 245 -38.87 8.87 -38.35
N GLN B 246 -37.68 9.42 -38.62
CA GLN B 246 -36.81 8.94 -39.67
C GLN B 246 -36.04 7.72 -39.16
N VAL B 247 -35.63 6.80 -40.05
CA VAL B 247 -34.92 5.58 -39.65
C VAL B 247 -33.47 5.56 -40.10
N ILE B 248 -32.52 5.49 -39.15
CA ILE B 248 -31.10 5.44 -39.45
C ILE B 248 -30.62 4.03 -39.12
N THR B 249 -29.92 3.37 -40.07
CA THR B 249 -29.48 1.99 -39.92
C THR B 249 -27.97 1.92 -39.79
N ILE B 250 -27.50 1.72 -38.56
CA ILE B 250 -26.09 1.63 -38.21
C ILE B 250 -25.72 0.21 -37.84
N GLY B 251 -24.55 -0.28 -38.28
CA GLY B 251 -24.09 -1.63 -37.95
C GLY B 251 -22.63 -1.68 -37.63
N ASN B 252 -21.76 -1.48 -38.64
CA ASN B 252 -20.33 -1.45 -38.53
C ASN B 252 -19.82 -0.34 -37.62
N GLU B 253 -20.24 0.92 -37.87
CA GLU B 253 -19.89 2.08 -37.07
C GLU B 253 -20.25 2.00 -35.59
N ARG B 254 -21.26 1.16 -35.26
CA ARG B 254 -21.73 0.84 -33.93
C ARG B 254 -20.68 0.32 -32.97
N PHE B 255 -19.77 -0.56 -33.46
CA PHE B 255 -18.61 -1.02 -32.71
C PHE B 255 -17.34 -0.27 -33.07
N ARG B 256 -17.32 0.49 -34.19
CA ARG B 256 -16.17 1.29 -34.58
C ARG B 256 -15.98 2.46 -33.62
N CYS B 257 -17.04 3.24 -33.30
CA CYS B 257 -16.92 4.34 -32.36
C CYS B 257 -16.30 4.03 -30.98
N PRO B 258 -16.73 3.07 -30.14
CA PRO B 258 -16.11 2.83 -28.83
C PRO B 258 -14.70 2.31 -28.92
N GLU B 259 -14.33 1.57 -29.99
CA GLU B 259 -13.00 1.03 -30.22
C GLU B 259 -11.92 2.11 -30.18
N THR B 260 -12.28 3.35 -30.55
CA THR B 260 -11.51 4.58 -30.39
C THR B 260 -10.82 4.80 -29.05
N LEU B 261 -11.41 4.31 -27.94
CA LEU B 261 -10.82 4.49 -26.62
C LEU B 261 -9.68 3.51 -26.34
N PHE B 262 -9.65 2.39 -27.10
CA PHE B 262 -8.49 1.54 -27.23
C PHE B 262 -7.53 2.02 -28.32
N GLN B 263 -8.05 2.50 -29.48
CA GLN B 263 -7.26 3.01 -30.58
C GLN B 263 -7.47 4.51 -30.87
N PRO B 264 -6.64 5.43 -30.34
CA PRO B 264 -6.74 6.87 -30.64
C PRO B 264 -6.39 7.25 -32.07
N SER B 265 -5.84 6.30 -32.83
CA SER B 265 -5.58 6.38 -34.26
C SER B 265 -6.85 6.61 -35.07
N PHE B 266 -8.03 6.18 -34.55
CA PHE B 266 -9.33 6.42 -35.17
C PHE B 266 -9.67 7.91 -35.23
N ILE B 267 -9.39 8.67 -34.14
CA ILE B 267 -9.48 10.13 -34.11
C ILE B 267 -8.42 10.74 -35.02
N GLY B 268 -7.22 10.14 -34.97
CA GLY B 268 -6.05 10.69 -35.64
C GLY B 268 -5.33 11.63 -34.73
N MET B 269 -5.41 11.35 -33.41
CA MET B 269 -4.73 12.08 -32.38
C MET B 269 -3.63 11.19 -31.85
N GLU B 270 -2.69 11.76 -31.08
CA GLU B 270 -1.46 11.04 -30.80
C GLU B 270 -1.33 10.45 -29.41
N SER B 271 -2.15 10.88 -28.43
CA SER B 271 -2.15 10.32 -27.07
C SER B 271 -2.42 8.81 -27.03
N ALA B 272 -1.82 8.07 -26.07
CA ALA B 272 -1.92 6.62 -26.03
C ALA B 272 -3.22 6.16 -25.35
N GLY B 273 -3.73 4.97 -25.74
CA GLY B 273 -5.03 4.47 -25.29
C GLY B 273 -5.10 4.06 -23.84
N ILE B 274 -6.31 3.76 -23.34
CA ILE B 274 -6.51 3.25 -21.98
C ILE B 274 -5.72 1.99 -21.64
N HIS B 275 -5.65 1.02 -22.57
CA HIS B 275 -4.67 -0.06 -22.64
C HIS B 275 -3.25 0.25 -22.15
N GLU B 276 -2.53 1.20 -22.79
CA GLU B 276 -1.16 1.48 -22.41
C GLU B 276 -1.06 2.45 -21.24
N THR B 277 -2.02 3.38 -21.07
CA THR B 277 -1.99 4.33 -19.96
C THR B 277 -2.27 3.70 -18.61
N THR B 278 -3.06 2.61 -18.60
CA THR B 278 -3.27 1.75 -17.43
C THR B 278 -1.94 1.13 -17.01
N TYR B 279 -1.26 0.45 -17.95
CA TYR B 279 0.03 -0.18 -17.75
C TYR B 279 1.13 0.78 -17.32
N ASN B 280 1.27 1.94 -18.00
CA ASN B 280 2.31 2.92 -17.75
C ASN B 280 2.19 3.62 -16.39
N SER B 281 0.98 3.65 -15.77
CA SER B 281 0.85 4.19 -14.42
C SER B 281 1.29 3.19 -13.37
N ILE B 282 1.03 1.89 -13.59
CA ILE B 282 1.49 0.81 -12.74
C ILE B 282 3.01 0.69 -12.80
N MET B 283 3.59 0.70 -14.02
CA MET B 283 5.02 0.62 -14.22
C MET B 283 5.80 1.93 -14.01
N LYS B 284 5.23 2.92 -13.28
CA LYS B 284 5.99 4.01 -12.71
C LYS B 284 5.89 3.98 -11.18
N CYS B 285 5.21 2.97 -10.60
CA CYS B 285 5.17 2.75 -9.15
C CYS B 285 6.16 1.69 -8.69
N ASP B 286 6.63 1.77 -7.42
CA ASP B 286 7.57 0.88 -6.77
C ASP B 286 7.15 -0.61 -6.75
N ILE B 287 8.12 -1.56 -6.84
CA ILE B 287 7.89 -2.99 -7.09
C ILE B 287 6.84 -3.66 -6.22
N ASP B 288 6.91 -3.48 -4.87
CA ASP B 288 6.02 -4.13 -3.92
C ASP B 288 4.56 -3.73 -4.13
N ILE B 289 4.30 -2.47 -4.55
CA ILE B 289 2.94 -2.00 -4.73
C ILE B 289 2.33 -2.49 -6.05
N ARG B 290 3.15 -2.80 -7.08
CA ARG B 290 2.65 -3.10 -8.42
C ARG B 290 1.63 -4.23 -8.52
N LYS B 291 1.80 -5.28 -7.69
CA LYS B 291 0.88 -6.38 -7.48
C LYS B 291 -0.56 -6.04 -7.13
N ASP B 292 -0.79 -4.94 -6.38
CA ASP B 292 -2.08 -4.65 -5.76
C ASP B 292 -2.77 -3.49 -6.46
N LEU B 293 -2.11 -2.86 -7.45
CA LEU B 293 -2.79 -1.97 -8.36
C LEU B 293 -3.61 -2.81 -9.34
N TYR B 294 -3.04 -3.96 -9.76
CA TYR B 294 -3.77 -5.06 -10.36
C TYR B 294 -4.84 -5.64 -9.44
N ALA B 295 -6.03 -5.94 -10.01
CA ALA B 295 -7.19 -6.54 -9.35
C ALA B 295 -7.99 -5.59 -8.49
N ASN B 296 -7.56 -4.34 -8.37
CA ASN B 296 -8.28 -3.30 -7.68
C ASN B 296 -8.62 -2.19 -8.65
N ASN B 297 -8.48 -2.46 -9.96
CA ASN B 297 -8.96 -1.62 -11.06
C ASN B 297 -10.43 -1.25 -10.94
N VAL B 298 -10.74 0.01 -10.57
CA VAL B 298 -12.09 0.50 -10.45
C VAL B 298 -12.48 1.50 -11.53
N MET B 299 -13.44 1.11 -12.40
CA MET B 299 -13.92 2.02 -13.42
C MET B 299 -15.03 2.86 -12.80
N SER B 300 -15.33 4.02 -13.39
CA SER B 300 -16.33 4.91 -12.86
C SER B 300 -16.78 5.79 -14.00
N GLY B 301 -17.68 6.75 -13.73
CA GLY B 301 -18.28 7.60 -14.75
C GLY B 301 -19.25 6.86 -15.66
N GLY B 302 -20.26 7.59 -16.18
CA GLY B 302 -21.30 7.07 -17.04
C GLY B 302 -20.84 6.52 -18.36
N THR B 303 -19.72 7.03 -18.90
CA THR B 303 -19.19 6.63 -20.20
C THR B 303 -18.61 5.23 -20.22
N THR B 304 -18.38 4.63 -19.03
CA THR B 304 -17.90 3.26 -18.92
C THR B 304 -18.99 2.23 -18.74
N MET B 305 -20.29 2.58 -18.85
CA MET B 305 -21.36 1.62 -18.61
C MET B 305 -21.77 0.73 -19.79
N TYR B 306 -20.93 0.60 -20.83
CA TYR B 306 -21.08 -0.38 -21.89
C TYR B 306 -20.94 -1.84 -21.39
N PRO B 307 -21.81 -2.81 -21.68
CA PRO B 307 -21.61 -4.20 -21.26
C PRO B 307 -20.48 -4.94 -21.96
N GLY B 308 -19.87 -4.36 -23.02
CA GLY B 308 -18.73 -4.96 -23.70
C GLY B 308 -17.45 -4.82 -22.92
N ILE B 309 -17.47 -4.01 -21.85
CA ILE B 309 -16.46 -3.93 -20.82
C ILE B 309 -17.16 -4.37 -19.55
N ALA B 310 -16.48 -5.11 -18.66
CA ALA B 310 -15.06 -5.20 -18.50
C ALA B 310 -14.34 -6.39 -19.13
N ASP B 311 -14.98 -7.30 -19.89
CA ASP B 311 -14.28 -8.50 -20.32
C ASP B 311 -13.48 -8.28 -21.62
N ARG B 312 -13.77 -7.18 -22.35
CA ARG B 312 -12.85 -6.60 -23.33
C ARG B 312 -11.60 -6.05 -22.65
N MET B 313 -11.78 -5.12 -21.69
CA MET B 313 -10.72 -4.55 -20.86
C MET B 313 -9.82 -5.61 -20.23
N GLN B 314 -10.43 -6.71 -19.73
CA GLN B 314 -9.75 -7.88 -19.23
C GLN B 314 -8.92 -8.51 -20.31
N LYS B 315 -9.51 -9.01 -21.41
CA LYS B 315 -8.76 -9.60 -22.52
C LYS B 315 -7.61 -8.73 -23.07
N GLU B 316 -7.74 -7.38 -23.14
CA GLU B 316 -6.67 -6.50 -23.59
C GLU B 316 -5.53 -6.39 -22.57
N ILE B 317 -5.86 -6.23 -21.27
CA ILE B 317 -4.88 -6.13 -20.20
C ILE B 317 -4.15 -7.44 -19.99
N THR B 318 -4.88 -8.57 -19.92
CA THR B 318 -4.38 -9.93 -19.73
C THR B 318 -3.36 -10.39 -20.76
N ALA B 319 -3.43 -9.81 -21.97
CA ALA B 319 -2.48 -10.08 -23.04
C ALA B 319 -1.14 -9.37 -22.84
N LEU B 320 -1.16 -8.19 -22.18
CA LEU B 320 0.00 -7.36 -21.93
C LEU B 320 0.61 -7.63 -20.54
N ALA B 321 -0.24 -7.96 -19.55
CA ALA B 321 0.15 -8.27 -18.19
C ALA B 321 1.01 -9.55 -18.05
N PRO B 322 1.95 -9.64 -17.11
CA PRO B 322 2.69 -10.87 -16.79
C PRO B 322 1.87 -12.12 -16.49
N SER B 323 2.50 -13.32 -16.56
CA SER B 323 1.84 -14.59 -16.30
C SER B 323 1.37 -14.77 -14.86
N THR B 324 0.14 -15.30 -14.69
CA THR B 324 -0.46 -15.64 -13.39
C THR B 324 -0.57 -14.43 -12.47
N MET B 325 -1.10 -13.32 -13.00
CA MET B 325 -1.29 -12.07 -12.31
C MET B 325 -2.76 -11.87 -12.05
N LYS B 326 -3.13 -11.45 -10.81
CA LYS B 326 -4.51 -11.28 -10.43
C LYS B 326 -5.21 -10.12 -11.16
N ILE B 327 -6.29 -10.42 -11.89
CA ILE B 327 -6.99 -9.43 -12.71
C ILE B 327 -8.46 -9.55 -12.43
N LYS B 328 -9.03 -8.51 -11.79
CA LYS B 328 -10.45 -8.37 -11.52
C LYS B 328 -10.85 -6.95 -11.90
N ILE B 329 -11.55 -6.76 -13.03
CA ILE B 329 -11.86 -5.44 -13.57
C ILE B 329 -13.36 -5.16 -13.53
N ILE B 330 -14.19 -6.11 -13.05
CA ILE B 330 -15.65 -5.93 -12.99
C ILE B 330 -16.00 -4.75 -12.08
N ALA B 331 -16.79 -3.80 -12.59
CA ALA B 331 -17.10 -2.56 -11.90
C ALA B 331 -18.52 -2.49 -11.34
N PRO B 332 -18.84 -1.57 -10.41
CA PRO B 332 -20.17 -1.49 -9.80
C PRO B 332 -21.22 -1.04 -10.82
N PRO B 333 -22.45 -1.52 -10.85
CA PRO B 333 -23.60 -0.82 -11.42
C PRO B 333 -23.76 0.67 -11.07
N GLU B 334 -24.35 1.44 -12.01
CA GLU B 334 -24.78 2.82 -11.85
C GLU B 334 -23.66 3.81 -11.60
N ARG B 335 -22.54 3.62 -12.33
CA ARG B 335 -21.30 4.38 -12.22
C ARG B 335 -21.45 5.89 -12.34
N LYS B 336 -22.50 6.34 -13.05
CA LYS B 336 -22.87 7.73 -13.23
C LYS B 336 -23.15 8.44 -11.90
N TYR B 337 -23.54 7.70 -10.84
CA TYR B 337 -23.82 8.29 -9.54
C TYR B 337 -22.78 7.88 -8.51
N SER B 338 -21.69 7.19 -8.95
CA SER B 338 -20.63 6.67 -8.08
C SER B 338 -20.04 7.72 -7.17
N VAL B 339 -19.54 8.82 -7.78
CA VAL B 339 -18.97 9.99 -7.15
C VAL B 339 -19.84 10.54 -6.02
N TRP B 340 -21.16 10.68 -6.26
CA TRP B 340 -22.12 11.19 -5.30
C TRP B 340 -22.32 10.27 -4.10
N ILE B 341 -22.41 8.93 -4.35
CA ILE B 341 -22.52 7.91 -3.30
C ILE B 341 -21.24 7.87 -2.44
N GLY B 342 -20.11 8.30 -3.02
CA GLY B 342 -18.84 8.61 -2.38
C GLY B 342 -18.92 9.77 -1.45
N GLY B 343 -19.31 10.95 -2.02
CA GLY B 343 -19.38 12.25 -1.40
C GLY B 343 -20.19 12.25 -0.13
N SER B 344 -21.32 11.53 -0.15
CA SER B 344 -22.19 11.33 1.01
C SER B 344 -21.48 10.73 2.22
N ILE B 345 -20.64 9.69 2.01
CA ILE B 345 -19.86 9.06 3.08
C ILE B 345 -18.85 10.03 3.68
N LEU B 346 -18.22 10.87 2.85
CA LEU B 346 -17.15 11.76 3.27
C LEU B 346 -17.64 12.89 4.17
N ALA B 347 -18.50 13.77 3.63
CA ALA B 347 -19.02 14.94 4.30
C ALA B 347 -19.90 14.64 5.52
N SER B 348 -20.40 13.39 5.67
CA SER B 348 -21.14 12.99 6.85
C SER B 348 -20.24 12.57 8.01
N LEU B 349 -19.03 12.02 7.74
CA LEU B 349 -18.11 11.58 8.77
C LEU B 349 -17.39 12.66 9.58
N SER B 350 -17.14 12.35 10.87
CA SER B 350 -16.08 12.94 11.67
C SER B 350 -14.86 12.04 11.59
N THR B 351 -13.61 12.53 11.72
CA THR B 351 -13.15 13.86 12.08
C THR B 351 -13.33 14.92 11.01
N PHE B 352 -13.50 14.52 9.72
CA PHE B 352 -13.51 15.47 8.61
C PHE B 352 -14.61 16.54 8.58
N GLN B 353 -15.53 16.63 9.58
CA GLN B 353 -16.29 17.83 9.85
C GLN B 353 -15.42 19.05 10.10
N GLN B 354 -14.27 18.83 10.74
CA GLN B 354 -13.30 19.85 11.06
C GLN B 354 -12.23 19.99 9.98
N MET B 355 -12.42 19.40 8.78
CA MET B 355 -11.52 19.67 7.65
C MET B 355 -12.16 20.50 6.56
N TRP B 356 -13.33 21.11 6.82
CA TRP B 356 -13.93 22.07 5.91
C TRP B 356 -13.26 23.43 6.00
N ILE B 357 -13.18 24.16 4.86
CA ILE B 357 -12.80 25.56 4.78
C ILE B 357 -13.89 26.40 5.42
N THR B 358 -13.61 26.98 6.61
CA THR B 358 -14.59 27.79 7.32
C THR B 358 -14.54 29.25 6.90
N LYS B 359 -15.67 29.95 7.01
CA LYS B 359 -15.84 31.34 6.61
C LYS B 359 -14.87 32.30 7.30
N GLN B 360 -14.60 32.07 8.60
CA GLN B 360 -13.66 32.85 9.39
C GLN B 360 -12.22 32.77 8.86
N GLU B 361 -11.78 31.58 8.41
CA GLU B 361 -10.46 31.37 7.84
C GLU B 361 -10.41 31.91 6.43
N TYR B 362 -11.48 31.73 5.64
CA TYR B 362 -11.64 32.30 4.31
C TYR B 362 -11.56 33.83 4.32
N ASP B 363 -12.20 34.52 5.28
CA ASP B 363 -12.08 35.95 5.40
C ASP B 363 -10.66 36.38 5.80
N GLU B 364 -10.09 35.75 6.84
CA GLU B 364 -8.77 36.06 7.35
C GLU B 364 -7.58 35.73 6.44
N ALA B 365 -7.57 34.53 5.84
CA ALA B 365 -6.43 34.01 5.10
C ALA B 365 -6.72 33.77 3.62
N GLY B 366 -7.96 34.02 3.15
CA GLY B 366 -8.33 33.82 1.75
C GLY B 366 -8.31 32.37 1.33
N PRO B 367 -8.14 32.06 0.06
CA PRO B 367 -8.11 30.67 -0.39
C PRO B 367 -6.67 30.18 -0.37
N SER B 368 -6.07 30.16 0.82
CA SER B 368 -4.78 29.57 1.12
C SER B 368 -4.89 28.07 1.27
N ILE B 369 -3.95 27.31 0.68
CA ILE B 369 -3.80 25.87 0.81
C ILE B 369 -5.07 25.09 0.47
N VAL B 370 -5.71 25.40 -0.69
CA VAL B 370 -6.96 24.75 -1.07
C VAL B 370 -6.75 23.32 -1.54
N HIS B 371 -5.72 23.06 -2.36
CA HIS B 371 -5.45 21.75 -2.92
C HIS B 371 -4.57 20.87 -1.99
N ASN C 129 -13.51 -8.11 30.02
CA ASN C 129 -12.94 -7.11 29.07
C ASN C 129 -13.90 -6.90 27.90
N ASP C 130 -14.63 -5.77 27.88
CA ASP C 130 -15.70 -5.54 26.92
C ASP C 130 -15.28 -5.31 25.46
N ILE C 131 -14.00 -4.96 25.18
CA ILE C 131 -13.48 -4.90 23.82
C ILE C 131 -13.33 -6.31 23.26
N ILE C 132 -12.79 -7.24 24.06
CA ILE C 132 -12.63 -8.64 23.69
C ILE C 132 -13.98 -9.32 23.53
N ALA C 133 -14.95 -9.03 24.43
CA ALA C 133 -16.31 -9.50 24.32
C ALA C 133 -17.01 -9.03 23.04
N ALA C 134 -16.88 -7.73 22.68
CA ALA C 134 -17.37 -7.19 21.44
C ALA C 134 -16.70 -7.79 20.21
N ALA C 135 -15.36 -8.01 20.25
CA ALA C 135 -14.59 -8.63 19.18
C ALA C 135 -14.98 -10.09 18.92
N LYS C 136 -15.23 -10.89 19.98
CA LYS C 136 -15.74 -12.25 19.87
C LYS C 136 -17.18 -12.29 19.34
N ARG C 137 -18.02 -11.30 19.71
CA ARG C 137 -19.38 -11.16 19.22
C ARG C 137 -19.40 -10.86 17.73
N MET C 138 -18.48 -9.97 17.28
CA MET C 138 -18.25 -9.62 15.89
C MET C 138 -17.79 -10.83 15.07
N ALA C 139 -16.89 -11.67 15.62
CA ALA C 139 -16.41 -12.89 14.99
C ALA C 139 -17.53 -13.92 14.75
N LEU C 140 -18.45 -14.08 15.71
CA LEU C 140 -19.61 -14.95 15.61
C LEU C 140 -20.62 -14.45 14.57
N LEU C 141 -20.82 -13.12 14.51
CA LEU C 141 -21.62 -12.48 13.47
C LEU C 141 -20.99 -12.63 12.08
N MET C 142 -19.64 -12.59 11.98
CA MET C 142 -18.91 -12.76 10.74
C MET C 142 -18.95 -14.21 10.24
N ALA C 143 -19.04 -15.19 11.16
CA ALA C 143 -19.28 -16.58 10.84
C ALA C 143 -20.68 -16.80 10.25
N GLU C 144 -21.69 -16.09 10.79
CA GLU C 144 -23.04 -16.09 10.25
C GLU C 144 -23.13 -15.40 8.90
N MET C 145 -22.42 -14.27 8.72
CA MET C 145 -22.29 -13.56 7.46
C MET C 145 -21.68 -14.43 6.37
N SER C 146 -20.67 -15.25 6.74
CA SER C 146 -20.04 -16.23 5.87
C SER C 146 -21.03 -17.27 5.36
N ARG C 147 -21.92 -17.77 6.24
CA ARG C 147 -22.97 -18.69 5.85
C ARG C 147 -24.01 -18.05 4.93
N LEU C 148 -24.43 -16.80 5.23
CA LEU C 148 -25.38 -16.06 4.43
C LEU C 148 -24.93 -15.72 3.01
N VAL C 149 -23.65 -15.32 2.80
CA VAL C 149 -23.13 -14.98 1.48
C VAL C 149 -22.94 -16.16 0.55
N ARG C 150 -23.01 -17.41 1.05
CA ARG C 150 -22.94 -18.59 0.22
C ARG C 150 -24.30 -19.02 -0.30
N GLY C 151 -25.38 -18.41 0.23
CA GLY C 151 -26.77 -18.69 -0.15
C GLY C 151 -27.20 -18.03 -1.44
N GLY C 152 -28.46 -18.24 -1.82
CA GLY C 152 -29.08 -17.66 -3.01
C GLY C 152 -29.85 -16.42 -2.67
N SER C 153 -30.86 -16.07 -3.49
CA SER C 153 -31.74 -14.92 -3.27
C SER C 153 -32.52 -14.89 -1.95
N GLY C 154 -32.62 -16.05 -1.27
CA GLY C 154 -33.31 -16.23 0.01
C GLY C 154 -32.62 -15.64 1.22
N THR C 155 -31.34 -15.25 1.11
CA THR C 155 -30.61 -14.69 2.24
C THR C 155 -30.58 -13.18 2.21
N LYS C 156 -31.31 -12.53 1.27
CA LYS C 156 -31.34 -11.07 1.14
C LYS C 156 -31.60 -10.26 2.42
N ARG C 157 -32.76 -10.40 3.09
CA ARG C 157 -33.04 -9.68 4.32
C ARG C 157 -32.10 -10.01 5.47
N ALA C 158 -31.74 -11.29 5.63
CA ALA C 158 -30.78 -11.73 6.63
C ALA C 158 -29.40 -11.12 6.46
N LEU C 159 -28.89 -11.05 5.21
CA LEU C 159 -27.62 -10.42 4.88
C LEU C 159 -27.57 -8.93 5.22
N ILE C 160 -28.65 -8.18 4.94
CA ILE C 160 -28.74 -6.76 5.27
C ILE C 160 -28.79 -6.55 6.78
N GLN C 161 -29.54 -7.41 7.50
CA GLN C 161 -29.61 -7.33 8.94
C GLN C 161 -28.29 -7.71 9.63
N CYS C 162 -27.59 -8.74 9.11
CA CYS C 162 -26.29 -9.14 9.58
C CYS C 162 -25.26 -8.03 9.51
N ALA C 163 -25.21 -7.30 8.37
CA ALA C 163 -24.34 -6.15 8.18
C ALA C 163 -24.65 -5.00 9.14
N LYS C 164 -25.95 -4.76 9.41
CA LYS C 164 -26.42 -3.79 10.38
C LYS C 164 -25.96 -4.14 11.80
N ASP C 165 -26.09 -5.43 12.19
CA ASP C 165 -25.64 -5.94 13.49
C ASP C 165 -24.12 -5.88 13.69
N ILE C 166 -23.33 -6.18 12.64
CA ILE C 166 -21.88 -6.06 12.62
C ILE C 166 -21.45 -4.62 12.80
N ALA C 167 -22.13 -3.67 12.12
CA ALA C 167 -21.85 -2.26 12.25
C ALA C 167 -22.13 -1.70 13.65
N LYS C 168 -23.18 -2.19 14.33
CA LYS C 168 -23.50 -1.83 15.70
C LYS C 168 -22.43 -2.27 16.69
N ALA C 169 -21.89 -3.49 16.51
CA ALA C 169 -20.80 -4.03 17.31
C ALA C 169 -19.50 -3.27 17.09
N SER C 170 -19.20 -2.86 15.84
CA SER C 170 -18.01 -2.07 15.51
C SER C 170 -17.98 -0.67 16.15
N ASP C 171 -19.17 -0.02 16.27
CA ASP C 171 -19.34 1.25 16.95
C ASP C 171 -19.10 1.10 18.47
N GLU C 172 -19.47 -0.06 19.06
CA GLU C 172 -19.20 -0.36 20.45
C GLU C 172 -17.70 -0.55 20.70
N VAL C 173 -16.97 -1.24 19.80
CA VAL C 173 -15.52 -1.38 19.85
C VAL C 173 -14.83 -0.03 19.79
N THR C 174 -15.29 0.88 18.91
CA THR C 174 -14.71 2.22 18.78
C THR C 174 -14.89 3.08 20.01
N ARG C 175 -16.11 3.08 20.61
CA ARG C 175 -16.42 3.80 21.84
C ARG C 175 -15.62 3.34 23.03
N LEU C 176 -15.46 2.01 23.18
CA LEU C 176 -14.69 1.40 24.24
C LEU C 176 -13.21 1.62 24.06
N ALA C 177 -12.68 1.56 22.82
CA ALA C 177 -11.28 1.81 22.55
C ALA C 177 -10.83 3.24 22.89
N LYS C 178 -11.69 4.25 22.65
CA LYS C 178 -11.43 5.60 23.10
C LYS C 178 -11.43 5.76 24.62
N GLU C 179 -12.31 5.04 25.34
CA GLU C 179 -12.38 5.05 26.78
C GLU C 179 -11.18 4.40 27.46
N VAL C 180 -10.72 3.23 26.93
CA VAL C 180 -9.50 2.54 27.36
C VAL C 180 -8.27 3.39 27.11
N ALA C 181 -8.25 4.13 25.97
CA ALA C 181 -7.18 5.05 25.63
C ALA C 181 -7.05 6.22 26.60
N LYS C 182 -8.21 6.77 27.07
CA LYS C 182 -8.27 7.79 28.10
C LYS C 182 -7.68 7.34 29.44
N GLN C 183 -7.96 6.07 29.82
CA GLN C 183 -7.50 5.49 31.07
C GLN C 183 -6.05 5.01 31.03
N CYS C 184 -5.47 4.84 29.82
CA CYS C 184 -4.07 4.48 29.63
C CYS C 184 -3.12 5.59 30.09
N THR C 185 -1.92 5.22 30.57
CA THR C 185 -0.96 6.15 31.14
C THR C 185 0.25 6.47 30.28
N ASP C 186 0.24 6.11 28.97
CA ASP C 186 1.32 6.48 28.06
C ASP C 186 0.79 7.03 26.73
N LYS C 187 1.25 8.23 26.32
CA LYS C 187 0.87 8.94 25.11
C LYS C 187 1.02 8.14 23.83
N ARG C 188 2.11 7.37 23.66
CA ARG C 188 2.35 6.57 22.47
C ARG C 188 1.31 5.49 22.19
N ILE C 189 0.99 4.63 23.18
CA ILE C 189 -0.04 3.60 23.04
C ILE C 189 -1.42 4.21 22.78
N ARG C 190 -1.71 5.34 23.47
CA ARG C 190 -2.95 6.09 23.30
C ARG C 190 -3.09 6.62 21.88
N THR C 191 -2.01 7.19 21.33
CA THR C 191 -1.95 7.70 19.97
C THR C 191 -2.15 6.61 18.93
N ASN C 192 -1.44 5.47 19.07
CA ASN C 192 -1.64 4.31 18.19
C ASN C 192 -3.05 3.74 18.23
N LEU C 193 -3.65 3.64 19.43
CA LEU C 193 -5.02 3.18 19.60
C LEU C 193 -6.01 4.12 18.91
N LEU C 194 -5.87 5.45 19.10
CA LEU C 194 -6.68 6.43 18.38
C LEU C 194 -6.53 6.38 16.86
N GLN C 195 -5.29 6.22 16.34
CA GLN C 195 -4.99 6.04 14.91
C GLN C 195 -5.74 4.89 14.27
N VAL C 196 -5.69 3.68 14.89
CA VAL C 196 -6.33 2.50 14.34
C VAL C 196 -7.86 2.53 14.49
N CYS C 197 -8.40 3.00 15.63
CA CYS C 197 -9.83 3.03 15.84
C CYS C 197 -10.55 4.06 14.98
N GLU C 198 -9.90 5.18 14.60
CA GLU C 198 -10.49 6.18 13.72
C GLU C 198 -10.80 5.68 12.30
N ARG C 199 -10.23 4.54 11.83
CA ARG C 199 -10.61 4.03 10.52
C ARG C 199 -11.90 3.20 10.59
N ILE C 200 -12.25 2.63 11.76
CA ILE C 200 -13.47 1.87 11.99
C ILE C 200 -14.77 2.60 11.61
N PRO C 201 -15.01 3.88 11.93
CA PRO C 201 -16.16 4.62 11.44
C PRO C 201 -16.28 4.69 9.94
N THR C 202 -15.19 4.99 9.20
CA THR C 202 -15.29 5.08 7.75
C THR C 202 -15.57 3.76 7.07
N ILE C 203 -14.90 2.67 7.49
CA ILE C 203 -15.12 1.34 6.97
C ILE C 203 -16.49 0.76 7.32
N SER C 204 -16.97 0.99 8.56
CA SER C 204 -18.32 0.54 8.95
C SER C 204 -19.41 1.30 8.24
N THR C 205 -19.17 2.60 7.95
CA THR C 205 -20.06 3.41 7.13
C THR C 205 -20.09 2.92 5.71
N GLN C 206 -18.92 2.57 5.11
CA GLN C 206 -18.88 1.98 3.77
C GLN C 206 -19.59 0.63 3.69
N LEU C 207 -19.56 -0.18 4.77
CA LEU C 207 -20.28 -1.43 4.84
C LEU C 207 -21.79 -1.23 4.81
N LYS C 208 -22.31 -0.24 5.57
CA LYS C 208 -23.73 0.12 5.55
C LYS C 208 -24.22 0.63 4.18
N ILE C 209 -23.42 1.47 3.50
CA ILE C 209 -23.70 1.98 2.16
C ILE C 209 -23.68 0.89 1.11
N LEU C 210 -22.63 0.05 1.13
CA LEU C 210 -22.45 -1.04 0.19
C LEU C 210 -23.52 -2.10 0.36
N SER C 211 -24.03 -2.28 1.61
CA SER C 211 -25.19 -3.12 1.87
C SER C 211 -26.47 -2.60 1.23
N THR C 212 -26.69 -1.26 1.21
CA THR C 212 -27.83 -0.64 0.50
C THR C 212 -27.75 -0.87 -1.00
N VAL C 213 -26.57 -0.72 -1.61
CA VAL C 213 -26.30 -0.98 -3.01
C VAL C 213 -26.58 -2.43 -3.40
N LYS C 214 -26.02 -3.40 -2.64
CA LYS C 214 -26.21 -4.83 -2.81
C LYS C 214 -27.69 -5.22 -2.65
N ALA C 215 -28.41 -4.57 -1.71
CA ALA C 215 -29.84 -4.73 -1.54
C ALA C 215 -30.64 -4.34 -2.79
N THR C 216 -30.30 -3.19 -3.43
CA THR C 216 -30.94 -2.76 -4.66
C THR C 216 -30.54 -3.56 -5.89
N MET C 217 -29.49 -4.40 -5.82
CA MET C 217 -29.10 -5.27 -6.93
C MET C 217 -29.78 -6.63 -6.83
N LEU C 218 -30.01 -7.13 -5.60
CA LEU C 218 -30.73 -8.38 -5.39
C LEU C 218 -32.21 -8.24 -5.74
N GLY C 219 -32.70 -9.05 -6.71
CA GLY C 219 -34.09 -9.03 -7.14
C GLY C 219 -34.40 -7.94 -8.15
N ARG C 220 -33.36 -7.24 -8.65
CA ARG C 220 -33.49 -6.18 -9.63
C ARG C 220 -34.00 -6.71 -10.96
N THR C 221 -34.72 -5.91 -11.76
CA THR C 221 -35.33 -6.38 -13.00
C THR C 221 -34.35 -6.92 -14.04
N ASN C 222 -33.21 -6.22 -14.27
CA ASN C 222 -32.14 -6.71 -15.12
C ASN C 222 -30.84 -6.51 -14.38
N ILE C 223 -30.11 -7.59 -14.09
CA ILE C 223 -28.85 -7.52 -13.36
C ILE C 223 -27.98 -8.71 -13.75
N SER C 224 -26.66 -8.52 -13.85
CA SER C 224 -25.74 -9.58 -14.22
C SER C 224 -25.24 -10.35 -13.02
N ASP C 225 -25.09 -11.68 -13.19
CA ASP C 225 -24.58 -12.62 -12.20
C ASP C 225 -23.15 -12.30 -11.80
N GLU C 226 -22.31 -11.88 -12.78
CA GLU C 226 -20.95 -11.44 -12.59
C GLU C 226 -20.85 -10.18 -11.73
N GLU C 227 -21.76 -9.21 -11.96
CA GLU C 227 -21.89 -7.98 -11.19
C GLU C 227 -22.35 -8.27 -9.76
N SER C 228 -23.31 -9.22 -9.59
CA SER C 228 -23.78 -9.69 -8.29
C SER C 228 -22.69 -10.35 -7.47
N GLU C 229 -21.89 -11.22 -8.12
CA GLU C 229 -20.74 -11.90 -7.54
C GLU C 229 -19.66 -10.92 -7.11
N GLN C 230 -19.38 -9.89 -7.94
CA GLN C 230 -18.39 -8.86 -7.61
C GLN C 230 -18.82 -7.97 -6.47
N ALA C 231 -20.13 -7.68 -6.34
CA ALA C 231 -20.67 -6.95 -5.21
C ALA C 231 -20.53 -7.73 -3.91
N THR C 232 -20.77 -9.05 -3.94
CA THR C 232 -20.58 -9.93 -2.80
C THR C 232 -19.12 -10.02 -2.39
N GLU C 233 -18.20 -10.15 -3.36
CA GLU C 233 -16.76 -10.14 -3.14
C GLU C 233 -16.26 -8.85 -2.51
N MET C 234 -16.76 -7.69 -2.98
CA MET C 234 -16.49 -6.38 -2.41
C MET C 234 -16.98 -6.27 -0.97
N LEU C 235 -18.21 -6.73 -0.67
CA LEU C 235 -18.79 -6.70 0.66
C LEU C 235 -18.05 -7.54 1.68
N VAL C 236 -17.66 -8.78 1.29
CA VAL C 236 -16.78 -9.65 2.06
C VAL C 236 -15.42 -9.02 2.30
N HIS C 237 -14.79 -8.44 1.26
CA HIS C 237 -13.52 -7.72 1.35
C HIS C 237 -13.57 -6.53 2.32
N ASN C 238 -14.63 -5.73 2.29
CA ASN C 238 -14.85 -4.61 3.19
C ASN C 238 -15.04 -5.08 4.64
N ALA C 239 -15.78 -6.19 4.85
CA ALA C 239 -15.89 -6.86 6.12
C ALA C 239 -14.55 -7.39 6.65
N GLN C 240 -13.71 -7.97 5.78
CA GLN C 240 -12.35 -8.41 6.08
C GLN C 240 -11.46 -7.23 6.50
N ASN C 241 -11.53 -6.08 5.82
CA ASN C 241 -10.80 -4.88 6.20
C ASN C 241 -11.24 -4.31 7.54
N LEU C 242 -12.56 -4.36 7.84
CA LEU C 242 -13.11 -3.94 9.11
C LEU C 242 -12.63 -4.84 10.24
N MET C 243 -12.66 -6.16 10.01
CA MET C 243 -12.20 -7.18 10.93
C MET C 243 -10.70 -7.08 11.20
N GLN C 244 -9.88 -6.79 10.17
CA GLN C 244 -8.45 -6.59 10.29
C GLN C 244 -8.10 -5.34 11.10
N SER C 245 -8.85 -4.24 10.92
CA SER C 245 -8.69 -3.02 11.70
C SER C 245 -9.08 -3.24 13.15
N VAL C 246 -10.16 -4.02 13.41
CA VAL C 246 -10.57 -4.41 14.74
C VAL C 246 -9.54 -5.35 15.40
N LYS C 247 -8.94 -6.30 14.64
CA LYS C 247 -7.87 -7.17 15.10
C LYS C 247 -6.65 -6.39 15.57
N GLU C 248 -6.25 -5.34 14.83
CA GLU C 248 -5.16 -4.46 15.21
C GLU C 248 -5.51 -3.58 16.43
N THR C 249 -6.79 -3.19 16.54
CA THR C 249 -7.35 -2.41 17.65
C THR C 249 -7.28 -3.21 18.94
N VAL C 250 -7.60 -4.52 18.86
CA VAL C 250 -7.45 -5.49 19.94
C VAL C 250 -5.99 -5.62 20.38
N ARG C 251 -5.03 -5.76 19.44
CA ARG C 251 -3.60 -5.80 19.75
C ARG C 251 -3.11 -4.57 20.51
N GLU C 252 -3.49 -3.35 20.06
CA GLU C 252 -3.14 -2.12 20.77
C GLU C 252 -3.90 -1.96 22.09
N ALA C 253 -5.15 -2.45 22.22
CA ALA C 253 -5.93 -2.43 23.45
C ALA C 253 -5.33 -3.31 24.56
N GLU C 254 -4.79 -4.48 24.18
CA GLU C 254 -4.08 -5.43 25.03
C GLU C 254 -2.82 -4.78 25.56
N ALA C 255 -2.07 -4.09 24.69
CA ALA C 255 -0.87 -3.35 25.01
C ALA C 255 -1.14 -2.15 25.92
N ALA C 256 -2.28 -1.46 25.71
CA ALA C 256 -2.73 -0.35 26.52
C ALA C 256 -3.12 -0.75 27.93
N SER C 257 -3.61 -1.99 28.09
CA SER C 257 -4.01 -2.55 29.37
C SER C 257 -2.86 -2.86 30.31
N ILE C 258 -1.60 -2.84 29.80
CA ILE C 258 -0.39 -2.99 30.60
C ILE C 258 -0.10 -1.75 31.44
N LYS C 259 -0.27 -0.53 30.85
CA LYS C 259 -0.01 0.73 31.51
C LYS C 259 -1.31 1.48 31.90
#